data_3D4R
#
_entry.id   3D4R
#
_cell.length_a   88.877
_cell.length_b   109.858
_cell.length_c   135.800
_cell.angle_alpha   90.00
_cell.angle_beta   90.00
_cell.angle_gamma   90.00
#
_symmetry.space_group_name_H-M   'P 21 21 21'
#
loop_
_entity.id
_entity.type
_entity.pdbx_description
1 polymer 'Domain of Unknown Function from the Pfam-B_34464 Family'
2 non-polymer 1,2-ETHANEDIOL
3 non-polymer DI(HYDROXYETHYL)ETHER
4 water water
#
_entity_poly.entity_id   1
_entity_poly.type   'polypeptide(L)'
_entity_poly.pdbx_seq_one_letter_code
;(MSE)GSDKIHHHHHHENLYFQG(MSE)KIPKIYVEGELNDGDRVAIEKDGNAIIFLEKDEEYSGNGKLLYQVIYDDLAK
Y(MSE)SLDTLKKDVLIQYPDKHTLTYLKAGTKLISVPAEGYKVYPI(MSE)DFGFRVLKGYRLATLESKKGDLRYVNSP
VSGTVIF(MSE)NEIPSERANYVFY(MSE)LEE
;
_entity_poly.pdbx_strand_id   A,B,C,D,E,F
#
loop_
_chem_comp.id
_chem_comp.type
_chem_comp.name
_chem_comp.formula
EDO non-polymer 1,2-ETHANEDIOL 'C2 H6 O2'
PEG non-polymer DI(HYDROXYETHYL)ETHER 'C4 H10 O3'
#
# COMPACT_ATOMS: atom_id res chain seq x y z
N HIS A 12 -35.05 -23.39 20.87
CA HIS A 12 -34.70 -24.42 19.83
C HIS A 12 -34.59 -23.74 18.44
N GLU A 13 -33.69 -24.27 17.62
CA GLU A 13 -33.44 -23.81 16.23
C GLU A 13 -32.84 -22.40 16.11
N ASN A 14 -32.31 -21.88 17.21
CA ASN A 14 -31.61 -20.61 17.20
C ASN A 14 -30.28 -20.83 16.53
N LEU A 15 -29.55 -19.75 16.33
CA LEU A 15 -28.26 -19.81 15.67
C LEU A 15 -27.31 -20.67 16.54
N TYR A 16 -26.56 -21.54 15.89
CA TYR A 16 -25.69 -22.48 16.59
C TYR A 16 -24.25 -21.95 16.66
N PHE A 17 -23.67 -22.12 17.83
CA PHE A 17 -22.31 -21.70 18.08
C PHE A 17 -21.51 -22.84 18.74
N GLN A 18 -21.80 -24.08 18.40
CA GLN A 18 -21.10 -25.23 19.01
C GLN A 18 -21.07 -25.23 20.53
N GLY A 19 -22.20 -24.86 21.12
CA GLY A 19 -22.34 -24.84 22.57
C GLY A 19 -21.44 -23.89 23.34
N MSE A 20 -20.70 -23.02 22.67
CA MSE A 20 -19.80 -22.11 23.38
CA MSE A 20 -19.79 -22.09 23.33
C MSE A 20 -20.56 -20.91 23.92
O MSE A 20 -21.69 -20.62 23.48
CB MSE A 20 -18.66 -21.64 22.51
CB MSE A 20 -18.76 -21.60 22.31
CG MSE A 20 -19.07 -20.98 21.22
CG MSE A 20 -18.01 -22.72 21.58
SE MSE A 20 -17.65 -19.98 20.39
SE MSE A 20 -16.79 -22.11 20.19
CE MSE A 20 -16.07 -20.95 21.11
CE MSE A 20 -18.05 -21.05 19.12
N LYS A 21 -19.95 -20.22 24.89
CA LYS A 21 -20.46 -18.99 25.49
C LYS A 21 -20.30 -17.86 24.44
N ILE A 22 -21.39 -17.13 24.21
CA ILE A 22 -21.45 -16.04 23.25
C ILE A 22 -21.67 -14.72 24.01
N PRO A 23 -21.46 -13.58 23.36
CA PRO A 23 -21.68 -12.32 24.03
C PRO A 23 -23.13 -12.06 24.33
N LYS A 24 -23.38 -11.27 25.38
CA LYS A 24 -24.74 -10.77 25.61
C LYS A 24 -24.94 -9.52 24.69
N ILE A 25 -26.18 -9.29 24.23
CA ILE A 25 -26.52 -8.17 23.40
C ILE A 25 -27.70 -7.41 24.05
N TYR A 26 -27.55 -6.10 24.20
CA TYR A 26 -28.60 -5.26 24.76
C TYR A 26 -28.97 -4.28 23.68
N VAL A 27 -30.26 -4.15 23.44
CA VAL A 27 -30.73 -3.29 22.41
C VAL A 27 -31.73 -2.27 22.88
N GLU A 28 -31.55 -1.05 22.41
CA GLU A 28 -32.45 0.06 22.79
C GLU A 28 -33.86 -0.17 22.25
N GLY A 29 -34.85 0.02 23.11
CA GLY A 29 -36.27 -0.08 22.73
C GLY A 29 -36.93 -1.44 22.63
N GLU A 30 -36.18 -2.50 22.92
CA GLU A 30 -36.70 -3.86 22.83
C GLU A 30 -37.22 -4.28 24.19
N LEU A 31 -38.20 -3.51 24.67
CA LEU A 31 -38.82 -3.71 26.00
CA LEU A 31 -38.79 -3.72 25.98
C LEU A 31 -39.10 -5.19 26.28
N ASN A 32 -38.57 -5.68 27.39
CA ASN A 32 -38.79 -7.04 27.86
C ASN A 32 -38.53 -7.09 29.37
N ASP A 33 -38.53 -8.28 29.96
CA ASP A 33 -38.25 -8.45 31.39
C ASP A 33 -36.79 -8.87 31.61
N GLY A 34 -35.96 -8.70 30.60
CA GLY A 34 -34.57 -9.08 30.70
C GLY A 34 -33.70 -8.06 31.42
N ASP A 35 -32.41 -8.36 31.48
CA ASP A 35 -31.47 -7.43 32.10
C ASP A 35 -31.39 -6.20 31.25
N ARG A 36 -31.05 -5.10 31.89
CA ARG A 36 -30.96 -3.83 31.25
C ARG A 36 -29.64 -3.10 31.46
N VAL A 37 -29.35 -2.22 30.52
CA VAL A 37 -28.23 -1.33 30.59
C VAL A 37 -28.77 0.08 30.33
N ALA A 38 -28.44 1.02 31.19
CA ALA A 38 -28.81 2.43 31.01
C ALA A 38 -27.61 3.15 30.37
N ILE A 39 -27.90 4.02 29.41
CA ILE A 39 -26.87 4.79 28.72
C ILE A 39 -27.20 6.24 28.96
N GLU A 40 -26.33 6.91 29.71
CA GLU A 40 -26.49 8.33 30.07
C GLU A 40 -25.34 9.16 29.51
N LYS A 41 -25.40 10.45 29.82
CA LYS A 41 -24.37 11.44 29.49
C LYS A 41 -23.98 11.39 28.05
N ASP A 42 -24.99 11.33 27.19
CA ASP A 42 -24.83 11.34 25.75
C ASP A 42 -23.89 10.26 25.31
N GLY A 43 -24.04 9.07 25.90
CA GLY A 43 -23.18 7.93 25.59
C GLY A 43 -21.89 7.74 26.42
N ASN A 44 -21.64 8.59 27.42
CA ASN A 44 -20.41 8.54 28.21
C ASN A 44 -20.49 7.74 29.50
N ALA A 45 -21.72 7.40 29.88
CA ALA A 45 -22.02 6.65 31.07
C ALA A 45 -22.76 5.38 30.69
N ILE A 46 -22.20 4.24 31.09
CA ILE A 46 -22.78 2.92 30.84
C ILE A 46 -23.08 2.30 32.20
N ILE A 47 -24.34 2.02 32.46
CA ILE A 47 -24.74 1.47 33.75
C ILE A 47 -25.53 0.18 33.60
N PHE A 48 -24.92 -0.93 34.01
CA PHE A 48 -25.63 -2.20 34.09
C PHE A 48 -26.58 -2.16 35.29
N LEU A 49 -27.85 -2.42 35.05
CA LEU A 49 -28.87 -2.35 36.11
C LEU A 49 -29.16 -3.71 36.77
N GLU A 50 -29.52 -3.67 38.05
CA GLU A 50 -29.88 -4.88 38.79
C GLU A 50 -31.29 -5.36 38.39
N LYS A 51 -31.46 -6.68 38.42
CA LYS A 51 -32.70 -7.39 38.02
C LYS A 51 -34.04 -6.70 38.30
N ASP A 52 -34.21 -6.13 39.48
CA ASP A 52 -35.48 -5.51 39.82
C ASP A 52 -35.33 -4.05 40.27
N GLU A 53 -34.22 -3.40 39.96
CA GLU A 53 -34.08 -2.02 40.40
C GLU A 53 -34.74 -1.04 39.43
N GLU A 54 -35.61 -0.18 39.95
CA GLU A 54 -36.29 0.82 39.13
C GLU A 54 -35.24 1.78 38.58
N TYR A 55 -35.35 2.10 37.28
CA TYR A 55 -34.45 3.08 36.69
C TYR A 55 -35.14 4.44 36.78
N SER A 56 -34.52 5.37 37.52
CA SER A 56 -35.10 6.71 37.69
C SER A 56 -34.27 7.81 37.03
N GLY A 57 -33.44 7.41 36.06
CA GLY A 57 -32.58 8.36 35.37
C GLY A 57 -33.14 8.89 34.06
N ASN A 58 -32.26 9.64 33.41
CA ASN A 58 -32.53 10.36 32.16
C ASN A 58 -32.11 9.67 30.85
N GLY A 59 -31.47 8.51 30.93
CA GLY A 59 -30.91 7.87 29.71
C GLY A 59 -31.76 6.92 28.89
N LYS A 60 -31.11 6.25 27.95
CA LYS A 60 -31.75 5.24 27.13
C LYS A 60 -31.58 3.88 27.81
N LEU A 61 -32.67 3.10 27.84
CA LEU A 61 -32.60 1.73 28.36
C LEU A 61 -32.38 0.78 27.21
N LEU A 62 -31.38 -0.09 27.32
CA LEU A 62 -31.10 -1.12 26.34
C LEU A 62 -31.48 -2.42 27.03
N TYR A 63 -32.17 -3.31 26.29
CA TYR A 63 -32.71 -4.54 26.85
C TYR A 63 -32.02 -5.76 26.28
N GLN A 64 -31.68 -6.72 27.14
CA GLN A 64 -31.05 -7.93 26.67
C GLN A 64 -32.03 -8.74 25.85
N VAL A 65 -31.54 -9.16 24.69
CA VAL A 65 -32.28 -9.96 23.70
C VAL A 65 -31.43 -11.19 23.31
N ILE A 66 -32.12 -12.17 22.79
CA ILE A 66 -31.52 -13.36 22.20
C ILE A 66 -30.88 -12.83 20.94
N TYR A 67 -29.59 -13.11 20.76
CA TYR A 67 -28.90 -12.68 19.56
C TYR A 67 -29.40 -13.51 18.36
N ASP A 68 -29.86 -12.83 17.32
CA ASP A 68 -30.38 -13.49 16.15
C ASP A 68 -29.96 -12.76 14.84
N ASP A 69 -28.67 -12.43 14.79
CA ASP A 69 -28.00 -11.76 13.70
C ASP A 69 -28.12 -10.22 13.87
N LEU A 70 -26.98 -9.55 13.86
CA LEU A 70 -26.90 -8.14 14.07
C LEU A 70 -27.55 -7.33 12.93
N ALA A 71 -27.67 -7.94 11.75
CA ALA A 71 -28.31 -7.30 10.62
C ALA A 71 -29.78 -6.96 10.89
N LYS A 72 -30.39 -7.58 11.92
CA LYS A 72 -31.81 -7.27 12.28
C LYS A 72 -31.95 -5.79 12.68
N TYR A 73 -30.84 -5.25 13.19
CA TYR A 73 -30.79 -3.88 13.68
C TYR A 73 -30.02 -2.92 12.79
N MSE A 74 -29.76 -3.33 11.56
CA MSE A 74 -28.96 -2.54 10.66
C MSE A 74 -29.72 -2.28 9.37
O MSE A 74 -30.56 -3.08 8.96
CB MSE A 74 -27.66 -3.27 10.32
CG MSE A 74 -26.71 -3.54 11.50
SE MSE A 74 -25.34 -4.84 11.08
CE MSE A 74 -24.47 -3.84 9.66
N SER A 75 -29.45 -1.13 8.78
CA SER A 75 -29.95 -0.76 7.49
C SER A 75 -28.70 -0.55 6.63
N LEU A 76 -28.47 -1.47 5.72
CA LEU A 76 -27.24 -1.53 4.94
C LEU A 76 -26.18 -1.79 6.00
N ASP A 77 -25.20 -0.92 6.12
CA ASP A 77 -24.10 -1.15 7.05
C ASP A 77 -24.18 -0.29 8.33
N THR A 78 -25.31 0.38 8.53
CA THR A 78 -25.49 1.30 9.63
C THR A 78 -26.45 0.72 10.64
N LEU A 79 -26.03 0.77 11.91
CA LEU A 79 -26.85 0.32 13.03
C LEU A 79 -28.01 1.33 13.18
N LYS A 80 -29.22 0.83 13.43
CA LYS A 80 -30.37 1.70 13.54
C LYS A 80 -30.92 1.81 14.95
N LYS A 81 -30.32 1.08 15.88
CA LYS A 81 -30.65 1.12 17.30
C LYS A 81 -29.30 1.17 18.06
N ASP A 82 -29.32 1.72 19.27
CA ASP A 82 -28.16 1.71 20.16
C ASP A 82 -28.13 0.26 20.64
N VAL A 83 -26.91 -0.28 20.65
CA VAL A 83 -26.64 -1.67 21.02
C VAL A 83 -25.40 -1.73 21.89
N LEU A 84 -25.42 -2.55 22.94
CA LEU A 84 -24.23 -2.84 23.71
C LEU A 84 -23.94 -4.33 23.62
N ILE A 85 -22.69 -4.69 23.32
CA ILE A 85 -22.24 -6.07 23.28
CA ILE A 85 -22.23 -6.07 23.27
C ILE A 85 -21.32 -6.28 24.46
N GLN A 86 -21.66 -7.25 25.30
CA GLN A 86 -20.88 -7.57 26.47
C GLN A 86 -20.31 -8.98 26.27
N TYR A 87 -19.00 -9.06 26.10
CA TYR A 87 -18.31 -10.30 25.81
C TYR A 87 -18.26 -11.30 26.97
N PRO A 88 -18.16 -12.61 26.63
CA PRO A 88 -18.13 -13.63 27.66
C PRO A 88 -17.04 -13.55 28.71
N ASP A 89 -15.95 -12.82 28.49
CA ASP A 89 -14.85 -12.72 29.46
C ASP A 89 -15.19 -11.95 30.70
N LYS A 90 -16.38 -11.38 30.78
CA LYS A 90 -16.79 -10.64 31.94
C LYS A 90 -15.94 -9.35 32.16
N HIS A 91 -15.29 -8.82 31.11
CA HIS A 91 -14.44 -7.62 31.26
C HIS A 91 -14.54 -6.61 30.16
N THR A 92 -14.89 -7.08 28.97
CA THR A 92 -14.90 -6.29 27.76
C THR A 92 -16.30 -6.04 27.21
N LEU A 93 -16.49 -4.86 26.65
CA LEU A 93 -17.76 -4.49 26.05
C LEU A 93 -17.53 -3.52 24.92
N THR A 94 -18.49 -3.43 24.01
CA THR A 94 -18.53 -2.46 22.95
C THR A 94 -19.89 -1.79 22.99
N TYR A 95 -19.90 -0.46 23.04
CA TYR A 95 -21.13 0.31 22.97
C TYR A 95 -21.18 1.01 21.62
N LEU A 96 -22.25 0.71 20.88
CA LEU A 96 -22.45 1.20 19.54
C LEU A 96 -23.77 1.96 19.40
N LYS A 97 -23.68 3.28 19.31
CA LYS A 97 -24.87 4.12 19.14
C LYS A 97 -25.50 3.97 17.76
N ALA A 98 -26.81 4.21 17.67
CA ALA A 98 -27.54 4.20 16.40
C ALA A 98 -26.79 5.14 15.46
N GLY A 99 -26.62 4.71 14.21
CA GLY A 99 -25.90 5.52 13.26
C GLY A 99 -24.48 5.10 13.06
N THR A 100 -23.98 4.20 13.90
CA THR A 100 -22.62 3.69 13.72
C THR A 100 -22.53 2.82 12.45
N LYS A 101 -21.55 3.14 11.61
CA LYS A 101 -21.24 2.35 10.41
C LYS A 101 -20.37 1.12 10.81
N LEU A 102 -20.83 -0.05 10.39
CA LEU A 102 -20.14 -1.31 10.63
C LEU A 102 -19.74 -1.95 9.30
N ILE A 103 -18.85 -2.93 9.36
CA ILE A 103 -18.44 -3.69 8.22
C ILE A 103 -18.96 -5.15 8.39
N SER A 104 -19.57 -5.66 7.35
CA SER A 104 -20.09 -7.04 7.32
C SER A 104 -19.19 -7.79 6.38
N VAL A 105 -18.65 -8.91 6.84
CA VAL A 105 -17.75 -9.72 6.04
C VAL A 105 -18.33 -11.13 5.89
N PRO A 106 -18.91 -11.42 4.70
CA PRO A 106 -19.43 -12.79 4.48
C PRO A 106 -18.31 -13.85 4.25
N ALA A 107 -18.59 -15.06 4.70
CA ALA A 107 -17.73 -16.22 4.56
C ALA A 107 -18.67 -17.27 3.95
N GLU A 108 -18.62 -17.43 2.63
CA GLU A 108 -19.49 -18.36 1.88
C GLU A 108 -18.73 -19.40 1.11
N GLY A 109 -19.16 -20.65 1.22
CA GLY A 109 -18.53 -21.76 0.53
C GLY A 109 -19.26 -23.06 0.83
N TYR A 110 -18.87 -24.12 0.15
CA TYR A 110 -19.44 -25.45 0.39
C TYR A 110 -19.35 -25.78 1.88
N LYS A 111 -18.16 -25.59 2.45
CA LYS A 111 -17.90 -25.72 3.90
C LYS A 111 -17.11 -24.49 4.32
N VAL A 112 -17.48 -23.95 5.47
CA VAL A 112 -16.85 -22.73 5.99
C VAL A 112 -16.36 -23.00 7.37
N TYR A 113 -15.11 -22.62 7.60
CA TYR A 113 -14.41 -22.79 8.88
C TYR A 113 -14.04 -21.40 9.37
N PRO A 114 -14.92 -20.79 10.15
CA PRO A 114 -14.72 -19.49 10.62
C PRO A 114 -14.06 -19.44 11.99
N ILE A 115 -13.43 -18.32 12.32
CA ILE A 115 -12.93 -18.11 13.67
CA ILE A 115 -12.93 -18.10 13.68
C ILE A 115 -14.17 -17.96 14.55
N MSE A 116 -14.33 -18.86 15.51
CA MSE A 116 -15.46 -18.91 16.41
CA MSE A 116 -15.49 -18.84 16.38
C MSE A 116 -15.11 -18.07 17.63
O MSE A 116 -14.75 -18.62 18.64
CB MSE A 116 -15.64 -20.38 16.82
CB MSE A 116 -15.93 -20.26 16.76
CG MSE A 116 -15.63 -21.38 15.64
CG MSE A 116 -16.42 -21.11 15.60
SE MSE A 116 -15.23 -23.31 16.06
SE MSE A 116 -18.21 -20.81 15.01
CE MSE A 116 -13.34 -23.39 16.66
CE MSE A 116 -19.10 -21.10 16.70
N ASP A 117 -15.18 -16.75 17.54
CA ASP A 117 -14.78 -15.91 18.65
C ASP A 117 -15.41 -14.56 18.49
N PHE A 118 -15.31 -13.72 19.53
CA PHE A 118 -15.99 -12.42 19.55
C PHE A 118 -15.16 -11.42 20.28
N GLY A 119 -15.21 -10.18 19.82
CA GLY A 119 -14.57 -9.07 20.52
C GLY A 119 -13.06 -9.13 20.47
N PHE A 120 -12.51 -9.43 19.29
CA PHE A 120 -11.08 -9.50 19.12
C PHE A 120 -10.65 -8.53 18.05
N ARG A 121 -9.52 -7.90 18.33
CA ARG A 121 -8.91 -6.98 17.42
C ARG A 121 -8.07 -7.74 16.37
N VAL A 122 -8.05 -7.17 15.16
CA VAL A 122 -7.36 -7.72 14.01
C VAL A 122 -6.80 -6.57 13.20
N LEU A 123 -5.81 -6.85 12.37
CA LEU A 123 -5.29 -5.91 11.42
C LEU A 123 -5.78 -6.39 10.06
N LYS A 124 -5.88 -5.46 9.11
CA LYS A 124 -6.27 -5.74 7.74
C LYS A 124 -5.46 -6.89 7.18
N GLY A 125 -6.15 -7.87 6.62
CA GLY A 125 -5.50 -9.02 6.07
C GLY A 125 -5.57 -10.26 6.95
N TYR A 126 -5.91 -10.08 8.22
CA TYR A 126 -6.07 -11.19 9.16
C TYR A 126 -7.10 -12.21 8.65
N ARG A 127 -6.77 -13.49 8.72
CA ARG A 127 -7.66 -14.53 8.25
C ARG A 127 -8.83 -14.82 9.22
N LEU A 128 -10.05 -14.64 8.74
CA LEU A 128 -11.25 -14.85 9.52
C LEU A 128 -11.90 -16.20 9.25
N ALA A 129 -11.70 -16.76 8.05
CA ALA A 129 -12.30 -18.00 7.69
C ALA A 129 -11.54 -18.67 6.54
N THR A 130 -11.61 -20.00 6.54
CA THR A 130 -11.15 -20.87 5.44
C THR A 130 -12.39 -21.39 4.77
N LEU A 131 -12.42 -21.38 3.45
CA LEU A 131 -13.55 -21.92 2.71
C LEU A 131 -13.05 -23.16 1.96
N GLU A 132 -13.78 -24.27 2.04
CA GLU A 132 -13.42 -25.52 1.38
C GLU A 132 -14.51 -25.86 0.37
N SER A 133 -14.08 -26.17 -0.85
CA SER A 133 -15.00 -26.51 -1.92
C SER A 133 -15.38 -28.00 -1.84
N LYS A 134 -16.34 -28.39 -2.67
CA LYS A 134 -16.84 -29.78 -2.73
CA LYS A 134 -16.85 -29.76 -2.76
C LYS A 134 -15.69 -30.75 -3.04
N LYS A 135 -14.69 -30.28 -3.77
CA LYS A 135 -13.52 -31.09 -4.12
C LYS A 135 -12.26 -30.80 -3.30
N GLY A 136 -12.42 -30.06 -2.20
CA GLY A 136 -11.32 -29.79 -1.26
C GLY A 136 -10.42 -28.60 -1.55
N ASP A 137 -10.81 -27.75 -2.47
CA ASP A 137 -10.05 -26.54 -2.76
C ASP A 137 -10.29 -25.52 -1.63
N LEU A 138 -9.22 -24.88 -1.18
CA LEU A 138 -9.28 -23.91 -0.09
C LEU A 138 -9.10 -22.46 -0.55
N ARG A 139 -9.96 -21.56 -0.06
CA ARG A 139 -9.85 -20.13 -0.29
C ARG A 139 -9.97 -19.54 1.10
N TYR A 140 -9.63 -18.26 1.25
CA TYR A 140 -9.68 -17.59 2.53
C TYR A 140 -10.46 -16.28 2.53
N VAL A 141 -11.03 -15.96 3.69
CA VAL A 141 -11.75 -14.70 3.92
C VAL A 141 -10.89 -13.98 4.92
N ASN A 142 -10.38 -12.83 4.50
CA ASN A 142 -9.50 -12.02 5.33
C ASN A 142 -10.18 -10.76 5.70
N SER A 143 -9.80 -10.18 6.84
CA SER A 143 -10.34 -8.92 7.26
C SER A 143 -10.01 -7.80 6.28
N PRO A 144 -11.04 -7.04 5.81
CA PRO A 144 -10.81 -5.95 4.91
C PRO A 144 -10.23 -4.70 5.57
N VAL A 145 -10.27 -4.62 6.90
CA VAL A 145 -9.82 -3.47 7.64
C VAL A 145 -9.22 -3.88 8.97
N SER A 146 -8.59 -2.93 9.62
CA SER A 146 -8.10 -3.07 10.95
C SER A 146 -9.21 -2.59 11.89
N GLY A 147 -9.44 -3.30 12.98
CA GLY A 147 -10.47 -2.90 13.93
C GLY A 147 -10.84 -4.07 14.76
N THR A 148 -12.07 -4.10 15.25
CA THR A 148 -12.53 -5.11 16.18
C THR A 148 -13.66 -5.95 15.57
N VAL A 149 -13.56 -7.26 15.67
CA VAL A 149 -14.63 -8.14 15.24
C VAL A 149 -15.52 -8.17 16.44
N ILE A 150 -16.73 -7.66 16.30
CA ILE A 150 -17.68 -7.53 17.40
C ILE A 150 -18.62 -8.73 17.50
N PHE A 151 -18.94 -9.38 16.39
CA PHE A 151 -19.82 -10.54 16.43
C PHE A 151 -19.62 -11.34 15.19
N MSE A 152 -19.99 -12.60 15.29
CA MSE A 152 -20.01 -13.48 14.13
C MSE A 152 -21.12 -14.46 14.38
O MSE A 152 -21.51 -14.71 15.53
CB MSE A 152 -18.66 -14.16 13.93
CG MSE A 152 -18.22 -15.06 15.05
SE MSE A 152 -18.93 -16.86 15.01
CE MSE A 152 -18.31 -17.26 13.18
N ASN A 153 -21.64 -15.04 13.29
CA ASN A 153 -22.67 -16.04 13.36
C ASN A 153 -22.94 -16.70 12.00
N GLU A 154 -23.67 -17.81 12.06
CA GLU A 154 -24.23 -18.46 10.88
C GLU A 154 -25.25 -17.49 10.30
N ILE A 155 -25.38 -17.53 8.99
CA ILE A 155 -26.33 -16.71 8.28
C ILE A 155 -27.68 -17.44 8.42
N PRO A 156 -28.71 -16.79 8.98
CA PRO A 156 -29.97 -17.51 9.19
C PRO A 156 -30.51 -18.18 7.94
N SER A 157 -30.42 -17.51 6.80
CA SER A 157 -30.93 -18.05 5.52
C SER A 157 -30.10 -19.16 4.94
N GLU A 158 -28.83 -19.27 5.33
CA GLU A 158 -28.01 -20.38 4.85
C GLU A 158 -26.93 -20.63 5.88
N ARG A 159 -27.22 -21.54 6.80
CA ARG A 159 -26.38 -21.84 7.98
C ARG A 159 -24.96 -22.34 7.73
N ALA A 160 -24.71 -22.87 6.55
CA ALA A 160 -23.39 -23.30 6.09
C ALA A 160 -22.46 -22.09 6.03
N ASN A 161 -23.03 -20.91 5.75
CA ASN A 161 -22.29 -19.67 5.61
C ASN A 161 -22.29 -18.85 6.92
N TYR A 162 -21.31 -17.96 7.03
CA TYR A 162 -21.11 -17.14 8.20
C TYR A 162 -20.90 -15.68 7.83
N VAL A 163 -21.04 -14.82 8.83
CA VAL A 163 -20.82 -13.40 8.67
C VAL A 163 -20.11 -12.90 9.92
N PHE A 164 -19.14 -12.02 9.72
CA PHE A 164 -18.45 -11.35 10.80
C PHE A 164 -18.88 -9.89 10.79
N TYR A 165 -19.10 -9.31 11.97
CA TYR A 165 -19.41 -7.88 12.05
C TYR A 165 -18.24 -7.22 12.73
N MSE A 166 -17.75 -6.14 12.12
CA MSE A 166 -16.61 -5.39 12.60
C MSE A 166 -16.87 -3.90 12.72
O MSE A 166 -17.66 -3.30 11.98
CB MSE A 166 -15.44 -5.51 11.63
CG MSE A 166 -15.06 -6.92 11.22
SE MSE A 166 -13.38 -6.94 10.21
CE MSE A 166 -12.40 -5.84 11.57
N LEU A 167 -16.14 -3.31 13.65
CA LEU A 167 -16.05 -1.87 13.80
C LEU A 167 -14.65 -1.53 13.36
N GLU A 168 -14.53 -0.73 12.29
CA GLU A 168 -13.27 -0.27 11.80
C GLU A 168 -12.67 0.76 12.76
N GLU A 169 -11.35 0.71 12.94
CA GLU A 169 -10.72 1.64 13.84
C GLU A 169 -10.03 2.71 13.01
N GLU B 13 12.68 18.84 16.33
CA GLU B 13 12.33 17.44 16.74
C GLU B 13 12.79 16.42 15.67
N ASN B 14 12.41 15.15 15.86
CA ASN B 14 12.78 14.05 14.95
C ASN B 14 11.57 13.38 14.28
N LEU B 15 11.83 12.47 13.34
CA LEU B 15 10.77 11.77 12.59
C LEU B 15 9.82 10.89 13.46
N TYR B 16 8.77 10.38 12.83
CA TYR B 16 7.71 9.60 13.52
C TYR B 16 7.95 8.11 13.74
N PHE B 17 7.56 7.28 12.77
CA PHE B 17 7.56 5.79 12.91
C PHE B 17 6.42 5.39 13.88
N GLN B 18 5.30 6.11 13.73
CA GLN B 18 4.07 5.98 14.56
C GLN B 18 3.51 4.57 14.72
N GLY B 19 3.53 3.80 13.63
CA GLY B 19 2.98 2.45 13.63
C GLY B 19 1.46 2.49 13.69
N MSE B 20 0.88 1.48 14.36
CA MSE B 20 -0.57 1.39 14.47
C MSE B 20 -1.09 2.29 15.61
O MSE B 20 -0.32 2.94 16.34
CB MSE B 20 -1.08 -0.08 14.59
CG MSE B 20 -0.87 -0.96 13.28
SE MSE B 20 -1.76 -0.30 11.57
CE MSE B 20 -3.65 -0.83 11.79
N LYS B 21 -2.41 2.32 15.71
CA LYS B 21 -3.10 3.09 16.69
C LYS B 21 -2.83 2.36 17.99
N ILE B 22 -2.74 3.11 19.07
CA ILE B 22 -2.56 2.52 20.39
C ILE B 22 -3.77 2.83 21.26
N PRO B 23 -4.05 1.94 22.20
CA PRO B 23 -5.20 2.16 23.04
C PRO B 23 -4.96 3.24 24.09
N LYS B 24 -6.03 3.64 24.78
CA LYS B 24 -5.94 4.59 25.88
C LYS B 24 -6.06 3.81 27.15
N ILE B 25 -5.18 4.10 28.10
CA ILE B 25 -5.15 3.40 29.37
C ILE B 25 -5.39 4.39 30.51
N TYR B 26 -6.32 4.03 31.39
CA TYR B 26 -6.68 4.82 32.58
C TYR B 26 -6.37 3.93 33.78
N VAL B 27 -5.72 4.48 34.79
CA VAL B 27 -5.32 3.71 35.94
C VAL B 27 -5.82 4.38 37.22
N GLU B 28 -6.35 3.55 38.11
CA GLU B 28 -6.88 3.98 39.39
C GLU B 28 -5.85 4.66 40.24
N GLY B 29 -6.21 5.85 40.70
CA GLY B 29 -5.40 6.59 41.66
C GLY B 29 -4.24 7.42 41.15
N GLU B 30 -3.97 7.37 39.85
CA GLU B 30 -2.83 8.07 39.27
C GLU B 30 -3.21 9.51 38.96
N LEU B 31 -3.46 10.27 40.02
CA LEU B 31 -3.88 11.64 39.91
C LEU B 31 -2.96 12.47 39.06
N ASN B 32 -3.54 13.04 38.02
CA ASN B 32 -2.87 13.91 37.08
C ASN B 32 -3.95 14.77 36.44
N ASP B 33 -3.61 15.52 35.39
CA ASP B 33 -4.60 16.38 34.75
C ASP B 33 -5.06 15.79 33.42
N GLY B 34 -5.03 14.46 33.30
CA GLY B 34 -5.52 13.81 32.11
C GLY B 34 -7.00 13.47 32.18
N ASP B 35 -7.49 12.84 31.12
CA ASP B 35 -8.88 12.40 31.11
C ASP B 35 -9.13 11.34 32.20
N ARG B 36 -10.36 11.30 32.65
CA ARG B 36 -10.79 10.45 33.71
C ARG B 36 -12.01 9.62 33.40
N VAL B 37 -12.06 8.45 33.99
CA VAL B 37 -13.18 7.57 33.94
CA VAL B 37 -13.23 7.65 33.94
C VAL B 37 -13.53 7.22 35.39
N ALA B 38 -14.79 7.32 35.77
CA ALA B 38 -15.21 6.85 37.09
C ALA B 38 -15.79 5.42 36.97
N ILE B 39 -15.53 4.61 37.99
CA ILE B 39 -16.05 3.26 38.12
C ILE B 39 -16.91 3.26 39.37
N GLU B 40 -18.18 2.90 39.21
CA GLU B 40 -19.16 2.87 40.29
C GLU B 40 -19.84 1.51 40.32
N LYS B 41 -20.73 1.34 41.28
CA LYS B 41 -21.49 0.12 41.56
C LYS B 41 -20.68 -1.15 41.40
N ASP B 42 -19.53 -1.20 42.05
CA ASP B 42 -18.63 -2.36 42.04
C ASP B 42 -18.20 -2.78 40.66
N GLY B 43 -18.13 -1.83 39.72
CA GLY B 43 -17.71 -2.15 38.36
C GLY B 43 -18.84 -2.19 37.36
N ASN B 44 -20.08 -2.02 37.83
CA ASN B 44 -21.27 -2.10 36.96
C ASN B 44 -21.67 -0.77 36.28
N ALA B 45 -20.91 0.28 36.54
CA ALA B 45 -21.15 1.61 35.99
C ALA B 45 -19.79 2.21 35.66
N ILE B 46 -19.63 2.61 34.42
CA ILE B 46 -18.40 3.19 33.88
C ILE B 46 -18.78 4.58 33.35
N ILE B 47 -18.14 5.63 33.82
CA ILE B 47 -18.51 6.98 33.40
C ILE B 47 -17.29 7.76 32.95
N PHE B 48 -17.19 8.06 31.66
CA PHE B 48 -16.13 8.91 31.15
C PHE B 48 -16.50 10.36 31.47
N LEU B 49 -15.65 11.05 32.20
CA LEU B 49 -15.92 12.44 32.62
C LEU B 49 -15.35 13.46 31.65
N GLU B 50 -15.95 14.66 31.66
CA GLU B 50 -15.50 15.77 30.83
CA GLU B 50 -15.49 15.74 30.81
C GLU B 50 -14.26 16.38 31.43
N LYS B 51 -13.49 17.10 30.60
CA LYS B 51 -12.23 17.73 31.03
C LYS B 51 -12.20 18.30 32.44
N ASP B 52 -12.98 19.33 32.73
CA ASP B 52 -12.96 19.96 34.06
C ASP B 52 -14.16 19.65 34.98
N GLU B 53 -14.87 18.58 34.65
CA GLU B 53 -16.04 18.17 35.41
C GLU B 53 -15.77 17.78 36.83
N GLU B 54 -16.42 18.46 37.78
CA GLU B 54 -16.31 18.03 39.15
C GLU B 54 -16.99 16.66 39.27
N TYR B 55 -16.25 15.66 39.71
CA TYR B 55 -16.84 14.35 39.90
C TYR B 55 -17.86 14.35 41.04
N SER B 56 -19.12 14.12 40.69
CA SER B 56 -20.21 14.15 41.66
C SER B 56 -20.66 12.78 42.19
N GLY B 57 -20.02 11.71 41.75
CA GLY B 57 -20.41 10.37 42.15
C GLY B 57 -19.67 9.78 43.33
N ASN B 58 -20.00 8.52 43.64
CA ASN B 58 -19.43 7.78 44.80
C ASN B 58 -18.41 6.68 44.50
N GLY B 59 -17.89 6.64 43.28
CA GLY B 59 -16.93 5.62 42.90
C GLY B 59 -15.49 6.05 42.87
N LYS B 60 -14.71 5.22 42.20
CA LYS B 60 -13.27 5.38 41.98
C LYS B 60 -12.97 6.20 40.72
N LEU B 61 -11.89 6.97 40.75
CA LEU B 61 -11.40 7.69 39.60
C LEU B 61 -10.13 7.01 39.04
N LEU B 62 -10.19 6.77 37.74
CA LEU B 62 -9.12 6.20 36.95
C LEU B 62 -8.64 7.33 36.03
N TYR B 63 -7.33 7.59 36.03
CA TYR B 63 -6.73 8.69 35.25
C TYR B 63 -6.00 8.16 34.06
N GLN B 64 -6.07 8.89 32.95
CA GLN B 64 -5.35 8.43 31.78
C GLN B 64 -3.85 8.60 32.00
N VAL B 65 -3.10 7.56 31.65
CA VAL B 65 -1.62 7.52 31.75
C VAL B 65 -1.04 7.23 30.37
N ILE B 66 0.25 7.38 30.22
CA ILE B 66 0.97 7.03 29.01
C ILE B 66 0.91 5.49 28.89
N TYR B 67 0.69 4.99 27.68
CA TYR B 67 0.71 3.57 27.37
C TYR B 67 2.18 3.21 27.16
N ASP B 68 2.90 2.88 28.24
CA ASP B 68 4.31 2.51 28.17
C ASP B 68 4.53 1.06 28.65
N ASP B 69 4.38 0.80 29.94
CA ASP B 69 4.53 -0.56 30.47
C ASP B 69 3.63 -0.75 31.69
N LEU B 70 3.09 -1.94 31.78
CA LEU B 70 2.11 -2.25 32.77
C LEU B 70 2.70 -2.72 34.10
N ALA B 71 4.00 -3.06 34.12
CA ALA B 71 4.64 -3.58 35.31
C ALA B 71 4.63 -2.62 36.49
N LYS B 72 4.66 -1.31 36.24
CA LYS B 72 4.56 -0.35 37.35
C LYS B 72 3.19 -0.40 38.08
N TYR B 73 2.18 -0.94 37.42
CA TYR B 73 0.85 -1.06 38.05
C TYR B 73 0.58 -2.49 38.51
N MSE B 74 1.66 -3.29 38.60
CA MSE B 74 1.57 -4.71 39.01
C MSE B 74 2.44 -5.05 40.20
O MSE B 74 3.43 -4.39 40.49
CB MSE B 74 1.99 -5.61 37.85
CG MSE B 74 1.08 -5.45 36.66
SE MSE B 74 1.59 -6.40 35.13
CE MSE B 74 1.49 -8.29 35.68
N SER B 75 2.01 -6.08 40.90
CA SER B 75 2.77 -6.68 41.98
C SER B 75 2.97 -8.10 41.50
N LEU B 76 4.20 -8.43 41.11
CA LEU B 76 4.52 -9.72 40.50
C LEU B 76 3.59 -9.86 39.30
N ASP B 77 2.69 -10.85 39.30
CA ASP B 77 1.78 -11.10 38.15
C ASP B 77 0.38 -10.52 38.33
N THR B 78 0.19 -9.63 39.31
CA THR B 78 -1.15 -9.15 39.64
C THR B 78 -1.29 -7.65 39.57
N LEU B 79 -2.35 -7.16 38.92
CA LEU B 79 -2.63 -5.73 38.90
C LEU B 79 -2.84 -5.27 40.34
N LYS B 80 -2.14 -4.21 40.75
CA LYS B 80 -2.37 -3.64 42.07
C LYS B 80 -3.33 -2.44 42.02
N LYS B 81 -3.71 -2.04 40.80
CA LYS B 81 -4.60 -0.90 40.51
CA LYS B 81 -4.66 -0.94 40.59
C LYS B 81 -5.68 -1.34 39.53
N ASP B 82 -6.89 -0.79 39.66
CA ASP B 82 -7.90 -1.05 38.67
C ASP B 82 -7.37 -0.37 37.38
N VAL B 83 -7.67 -0.97 36.24
CA VAL B 83 -7.23 -0.49 34.94
C VAL B 83 -8.34 -0.57 33.92
N LEU B 84 -8.51 0.49 33.11
CA LEU B 84 -9.46 0.49 32.03
C LEU B 84 -8.72 0.86 30.76
N ILE B 85 -8.88 0.04 29.73
CA ILE B 85 -8.22 0.26 28.45
C ILE B 85 -9.26 0.41 27.38
N GLN B 86 -9.29 1.55 26.71
CA GLN B 86 -10.21 1.76 25.63
C GLN B 86 -9.51 1.39 24.33
N TYR B 87 -10.20 0.62 23.51
CA TYR B 87 -9.59 0.12 22.28
C TYR B 87 -9.40 1.26 21.26
N PRO B 88 -8.44 1.11 20.32
CA PRO B 88 -8.25 2.10 19.28
C PRO B 88 -9.50 2.42 18.44
N ASP B 89 -10.49 1.50 18.39
CA ASP B 89 -11.80 1.73 17.71
C ASP B 89 -12.70 2.76 18.42
N LYS B 90 -12.28 3.10 19.65
CA LYS B 90 -12.90 4.12 20.52
C LYS B 90 -14.22 3.74 21.11
N HIS B 91 -14.65 2.48 20.94
CA HIS B 91 -15.93 2.03 21.44
C HIS B 91 -15.90 0.76 22.24
N THR B 92 -14.82 -0.02 22.12
CA THR B 92 -14.62 -1.22 22.88
C THR B 92 -13.72 -0.83 24.09
N LEU B 93 -14.04 -1.35 25.26
CA LEU B 93 -13.21 -1.15 26.43
C LEU B 93 -13.10 -2.46 27.25
N THR B 94 -12.00 -2.57 28.01
CA THR B 94 -11.80 -3.68 28.90
CA THR B 94 -11.75 -3.67 28.91
C THR B 94 -11.48 -3.07 30.27
N TYR B 95 -12.16 -3.60 31.28
CA TYR B 95 -11.97 -3.18 32.65
C TYR B 95 -11.34 -4.34 33.43
N LEU B 96 -10.13 -4.11 33.96
CA LEU B 96 -9.41 -5.11 34.75
C LEU B 96 -9.21 -4.60 36.17
N LYS B 97 -9.93 -5.20 37.12
CA LYS B 97 -9.84 -4.86 38.53
C LYS B 97 -8.51 -5.23 39.17
N ALA B 98 -8.16 -4.50 40.24
CA ALA B 98 -7.01 -4.85 41.06
C ALA B 98 -7.20 -6.32 41.42
N GLY B 99 -6.11 -7.10 41.44
CA GLY B 99 -6.23 -8.52 41.77
C GLY B 99 -6.23 -9.41 40.54
N THR B 100 -6.37 -8.84 39.36
CA THR B 100 -6.38 -9.57 38.11
C THR B 100 -5.00 -10.09 37.80
N LYS B 101 -4.94 -11.41 37.59
CA LYS B 101 -3.72 -12.09 37.21
CA LYS B 101 -3.73 -12.10 37.21
C LYS B 101 -3.45 -11.92 35.71
N LEU B 102 -2.24 -11.52 35.35
CA LEU B 102 -1.84 -11.38 33.94
C LEU B 102 -0.60 -12.24 33.64
N ILE B 103 -0.53 -12.76 32.41
CA ILE B 103 0.61 -13.58 31.99
CA ILE B 103 0.60 -13.59 31.96
C ILE B 103 1.51 -12.69 31.13
N SER B 104 2.70 -12.48 31.62
CA SER B 104 3.70 -11.67 31.00
C SER B 104 4.64 -12.52 30.13
N VAL B 105 4.81 -12.17 28.86
CA VAL B 105 5.64 -12.92 27.93
C VAL B 105 6.65 -11.98 27.21
N PRO B 106 7.95 -12.16 27.48
CA PRO B 106 8.92 -11.31 26.83
C PRO B 106 9.38 -11.83 25.45
N ALA B 107 9.86 -10.91 24.63
CA ALA B 107 10.34 -11.21 23.29
C ALA B 107 11.51 -10.27 23.06
N GLU B 108 12.73 -10.77 23.28
CA GLU B 108 13.94 -9.94 23.10
C GLU B 108 14.87 -10.54 22.06
N GLY B 109 15.51 -9.66 21.31
CA GLY B 109 16.45 -10.05 20.26
C GLY B 109 16.95 -8.83 19.54
N TYR B 110 17.81 -9.03 18.54
CA TYR B 110 18.37 -7.93 17.74
C TYR B 110 17.23 -7.21 17.04
N LYS B 111 16.35 -7.98 16.39
CA LYS B 111 15.15 -7.44 15.75
C LYS B 111 13.97 -8.29 16.24
N VAL B 112 12.87 -7.62 16.62
CA VAL B 112 11.67 -8.31 17.06
C VAL B 112 10.51 -7.75 16.24
N TYR B 113 9.78 -8.66 15.61
CA TYR B 113 8.63 -8.28 14.78
C TYR B 113 7.33 -8.95 15.29
N PRO B 114 6.57 -8.26 16.14
CA PRO B 114 5.37 -8.87 16.65
C PRO B 114 4.24 -9.05 15.63
N ILE B 115 3.49 -10.13 15.73
CA ILE B 115 2.32 -10.25 14.85
C ILE B 115 1.03 -10.13 15.61
N MSE B 116 1.07 -10.37 16.92
CA MSE B 116 -0.09 -10.16 17.74
C MSE B 116 0.09 -8.71 18.17
O MSE B 116 1.21 -8.17 18.11
CB MSE B 116 -0.12 -11.07 18.94
CG MSE B 116 -0.10 -12.58 18.59
SE MSE B 116 -1.72 -13.39 17.80
CE MSE B 116 -1.46 -13.04 15.87
N ASP B 117 -1.00 -8.04 18.47
CA ASP B 117 -0.93 -6.66 18.93
CA ASP B 117 -0.91 -6.68 18.91
C ASP B 117 -1.99 -6.60 19.99
N PHE B 118 -2.17 -5.43 20.58
CA PHE B 118 -3.18 -5.21 21.59
C PHE B 118 -4.54 -5.71 21.11
N GLY B 119 -5.24 -6.40 22.02
CA GLY B 119 -6.58 -6.92 21.81
C GLY B 119 -6.74 -8.13 20.96
N PHE B 120 -5.63 -8.74 20.58
CA PHE B 120 -5.65 -9.89 19.74
C PHE B 120 -5.95 -11.12 20.60
N ARG B 121 -6.65 -12.05 19.95
CA ARG B 121 -6.97 -13.36 20.48
C ARG B 121 -5.77 -14.27 20.19
N VAL B 122 -5.45 -15.10 21.17
CA VAL B 122 -4.32 -16.00 21.11
CA VAL B 122 -4.35 -16.05 21.02
C VAL B 122 -4.74 -17.36 21.66
N LEU B 123 -4.21 -18.43 21.10
CA LEU B 123 -4.41 -19.76 21.61
C LEU B 123 -3.00 -20.22 21.99
N LYS B 124 -2.89 -21.07 23.00
CA LYS B 124 -1.61 -21.61 23.42
C LYS B 124 -0.90 -22.14 22.20
N GLY B 125 0.35 -21.73 22.02
CA GLY B 125 1.15 -22.16 20.88
C GLY B 125 1.20 -21.18 19.72
N TYR B 126 0.27 -20.24 19.66
CA TYR B 126 0.30 -19.23 18.61
C TYR B 126 1.57 -18.46 18.67
N ARG B 127 2.09 -18.13 17.50
CA ARG B 127 3.27 -17.29 17.36
C ARG B 127 2.91 -15.84 17.74
N LEU B 128 3.60 -15.30 18.75
CA LEU B 128 3.43 -13.90 19.18
C LEU B 128 4.33 -12.93 18.38
N ALA B 129 5.56 -13.36 18.09
CA ALA B 129 6.58 -12.56 17.40
C ALA B 129 7.64 -13.41 16.71
N THR B 130 8.22 -12.84 15.66
CA THR B 130 9.34 -13.41 14.95
C THR B 130 10.56 -12.60 15.39
N LEU B 131 11.63 -13.30 15.71
CA LEU B 131 12.88 -12.66 16.13
C LEU B 131 13.96 -12.91 15.09
N GLU B 132 14.75 -11.89 14.77
CA GLU B 132 15.88 -12.00 13.81
C GLU B 132 17.18 -11.50 14.47
N SER B 133 18.26 -12.23 14.27
CA SER B 133 19.59 -11.88 14.83
C SER B 133 20.42 -11.00 13.87
N LYS B 134 21.57 -10.54 14.35
CA LYS B 134 22.52 -9.76 13.51
C LYS B 134 22.85 -10.60 12.27
N LYS B 135 23.12 -11.89 12.45
CA LYS B 135 23.42 -12.77 11.31
C LYS B 135 22.21 -13.00 10.38
N GLY B 136 20.98 -12.82 10.89
CA GLY B 136 19.78 -13.00 10.08
C GLY B 136 18.99 -14.27 10.34
N ASP B 137 19.39 -15.04 11.36
CA ASP B 137 18.67 -16.27 11.75
C ASP B 137 17.37 -15.94 12.46
N LEU B 138 16.32 -16.70 12.16
CA LEU B 138 14.98 -16.47 12.70
C LEU B 138 14.59 -17.41 13.84
N ARG B 139 13.93 -16.84 14.85
CA ARG B 139 13.41 -17.54 16.03
C ARG B 139 11.99 -17.01 16.26
N TYR B 140 11.21 -17.70 17.08
CA TYR B 140 9.84 -17.34 17.34
C TYR B 140 9.55 -17.42 18.82
N VAL B 141 8.67 -16.54 19.27
CA VAL B 141 8.16 -16.55 20.63
C VAL B 141 6.69 -16.85 20.47
N ASN B 142 6.28 -17.98 21.06
CA ASN B 142 4.92 -18.48 21.03
C ASN B 142 4.21 -18.27 22.35
N SER B 143 2.88 -18.22 22.34
CA SER B 143 2.13 -17.98 23.56
C SER B 143 2.05 -19.22 24.45
N PRO B 144 2.29 -19.05 25.75
CA PRO B 144 2.14 -20.16 26.68
C PRO B 144 0.68 -20.41 27.09
N VAL B 145 -0.21 -19.49 26.75
CA VAL B 145 -1.61 -19.58 27.15
C VAL B 145 -2.58 -19.17 26.04
N SER B 146 -3.84 -19.53 26.23
CA SER B 146 -4.91 -19.07 25.39
C SER B 146 -5.51 -17.87 26.12
N GLY B 147 -5.89 -16.86 25.36
CA GLY B 147 -6.47 -15.68 25.97
C GLY B 147 -6.41 -14.46 25.08
N THR B 148 -6.21 -13.29 25.69
CA THR B 148 -6.19 -12.02 24.96
C THR B 148 -4.98 -11.20 25.35
N VAL B 149 -4.36 -10.57 24.37
CA VAL B 149 -3.29 -9.63 24.60
C VAL B 149 -3.99 -8.35 25.06
N ILE B 150 -3.78 -7.96 26.31
CA ILE B 150 -4.40 -6.73 26.85
C ILE B 150 -3.38 -5.59 26.95
N PHE B 151 -2.11 -5.87 26.64
CA PHE B 151 -1.10 -4.83 26.62
C PHE B 151 0.11 -5.34 25.88
N MSE B 152 0.67 -4.51 25.01
CA MSE B 152 1.91 -4.89 24.33
CA MSE B 152 1.85 -4.91 24.24
C MSE B 152 2.65 -3.67 23.93
O MSE B 152 2.14 -2.77 23.28
CB MSE B 152 1.72 -5.86 23.12
CB MSE B 152 1.38 -5.60 22.95
CG MSE B 152 1.55 -5.26 21.74
CG MSE B 152 2.44 -6.30 22.11
SE MSE B 152 2.47 -6.39 20.45
SE MSE B 152 3.39 -5.12 20.85
CE MSE B 152 4.24 -6.35 21.29
CE MSE B 152 1.94 -4.44 19.75
N ASN B 153 3.89 -3.59 24.38
CA ASN B 153 4.66 -2.44 24.00
C ASN B 153 6.16 -2.72 24.02
N GLU B 154 6.90 -1.84 23.31
CA GLU B 154 8.35 -1.93 23.23
C GLU B 154 8.87 -1.27 24.48
N ILE B 155 9.64 -2.01 25.27
CA ILE B 155 10.25 -1.50 26.49
C ILE B 155 11.73 -1.21 26.23
N PRO B 156 12.23 -0.06 26.73
CA PRO B 156 13.66 0.24 26.56
C PRO B 156 14.60 -0.94 26.86
N SER B 157 15.76 -0.90 26.19
CA SER B 157 16.86 -1.87 26.34
C SER B 157 17.91 -1.55 25.27
N GLU B 158 19.06 -2.23 25.33
CA GLU B 158 20.15 -2.07 24.35
C GLU B 158 19.75 -2.71 23.00
N ARG B 159 18.68 -3.50 22.98
CA ARG B 159 18.17 -4.14 21.76
C ARG B 159 16.62 -3.99 21.75
N ALA B 160 15.99 -4.60 20.74
CA ALA B 160 14.53 -4.62 20.63
C ALA B 160 13.99 -5.59 21.69
N ASN B 161 13.11 -5.05 22.52
CA ASN B 161 12.55 -5.78 23.63
C ASN B 161 11.07 -5.47 23.66
N TYR B 162 10.24 -6.49 23.68
CA TYR B 162 8.82 -6.32 23.78
C TYR B 162 8.30 -7.16 24.92
N VAL B 163 7.17 -6.74 25.45
CA VAL B 163 6.50 -7.48 26.50
CA VAL B 163 6.52 -7.54 26.47
C VAL B 163 5.03 -7.61 26.12
N PHE B 164 4.50 -8.83 26.11
CA PHE B 164 3.11 -9.08 25.87
C PHE B 164 2.52 -9.40 27.21
N TYR B 165 1.44 -8.75 27.59
CA TYR B 165 0.77 -9.11 28.85
C TYR B 165 -0.53 -9.68 28.40
N MSE B 166 -0.86 -10.88 28.88
CA MSE B 166 -2.06 -11.51 28.46
C MSE B 166 -3.03 -11.86 29.57
O MSE B 166 -2.65 -12.10 30.72
CB MSE B 166 -1.67 -12.69 27.60
CG MSE B 166 -0.82 -12.29 26.27
SE MSE B 166 -0.36 -13.96 25.60
CE MSE B 166 -2.14 -14.73 25.41
N LEU B 167 -4.31 -11.78 29.25
CA LEU B 167 -5.35 -12.23 30.13
C LEU B 167 -5.74 -13.63 29.63
N GLU B 168 -5.46 -14.62 30.47
CA GLU B 168 -5.72 -16.01 30.17
C GLU B 168 -7.18 -16.30 30.22
N GLU B 169 -7.68 -17.04 29.25
CA GLU B 169 -9.08 -17.37 29.28
C GLU B 169 -9.28 -18.52 30.32
N HIS C 12 -18.06 24.83 -16.18
CA HIS C 12 -17.87 23.36 -16.17
C HIS C 12 -16.56 23.00 -15.44
N GLU C 13 -16.69 22.24 -14.36
CA GLU C 13 -15.58 21.74 -13.56
C GLU C 13 -15.37 20.29 -13.94
N ASN C 14 -16.31 19.68 -14.66
CA ASN C 14 -16.13 18.30 -15.10
C ASN C 14 -15.01 18.19 -16.13
N LEU C 15 -14.42 17.00 -16.18
CA LEU C 15 -13.38 16.71 -17.14
C LEU C 15 -14.02 16.67 -18.54
N TYR C 16 -13.31 17.21 -19.51
CA TYR C 16 -13.84 17.34 -20.87
C TYR C 16 -13.33 16.22 -21.74
N PHE C 17 -14.24 15.58 -22.47
CA PHE C 17 -13.91 14.47 -23.37
C PHE C 17 -14.41 14.74 -24.82
N GLN C 18 -14.46 16.00 -25.22
CA GLN C 18 -14.89 16.38 -26.59
C GLN C 18 -16.34 15.97 -26.94
N GLY C 19 -17.23 16.13 -25.95
CA GLY C 19 -18.64 15.79 -26.08
C GLY C 19 -18.90 14.30 -26.33
N MSE C 20 -17.84 13.52 -26.38
CA MSE C 20 -17.93 12.09 -26.69
C MSE C 20 -18.54 11.22 -25.57
O MSE C 20 -18.53 11.61 -24.41
CB MSE C 20 -16.54 11.61 -27.06
CG MSE C 20 -16.18 10.23 -26.66
SE MSE C 20 -14.26 10.27 -26.77
CE MSE C 20 -14.19 10.83 -28.73
N LYS C 21 -19.07 10.06 -25.97
CA LYS C 21 -19.66 9.09 -25.02
C LYS C 21 -18.51 8.42 -24.26
N ILE C 22 -18.54 8.58 -22.94
CA ILE C 22 -17.56 8.01 -22.03
C ILE C 22 -18.13 6.81 -21.26
N PRO C 23 -17.26 6.02 -20.63
CA PRO C 23 -17.81 4.88 -19.90
C PRO C 23 -18.51 5.27 -18.62
N LYS C 24 -19.38 4.37 -18.13
CA LYS C 24 -20.01 4.56 -16.83
CA LYS C 24 -20.01 4.55 -16.83
C LYS C 24 -19.07 3.98 -15.78
N ILE C 25 -18.96 4.65 -14.63
CA ILE C 25 -18.11 4.15 -13.56
C ILE C 25 -18.94 4.01 -12.28
N TYR C 26 -18.82 2.84 -11.66
CA TYR C 26 -19.53 2.50 -10.42
C TYR C 26 -18.50 2.29 -9.32
N VAL C 27 -18.68 2.93 -8.17
CA VAL C 27 -17.70 2.88 -7.09
C VAL C 27 -18.30 2.45 -5.74
N GLU C 28 -17.63 1.50 -5.10
CA GLU C 28 -18.04 0.97 -3.80
C GLU C 28 -18.25 2.05 -2.75
N GLY C 29 -19.36 1.93 -2.03
CA GLY C 29 -19.67 2.81 -0.91
C GLY C 29 -19.81 4.30 -1.15
N GLU C 30 -20.06 4.71 -2.38
CA GLU C 30 -20.31 6.11 -2.72
C GLU C 30 -21.83 6.24 -2.78
N LEU C 31 -22.48 5.93 -1.66
CA LEU C 31 -23.94 5.92 -1.56
C LEU C 31 -24.54 7.15 -2.22
N ASN C 32 -25.46 6.93 -3.15
CA ASN C 32 -26.15 8.01 -3.82
C ASN C 32 -27.42 7.45 -4.42
N ASP C 33 -28.16 8.26 -5.17
CA ASP C 33 -29.43 7.78 -5.72
C ASP C 33 -29.30 7.31 -7.18
N GLY C 34 -28.06 7.05 -7.59
CA GLY C 34 -27.77 6.60 -8.95
C GLY C 34 -27.88 5.09 -9.10
N ASP C 35 -27.67 4.62 -10.34
CA ASP C 35 -27.71 3.20 -10.66
C ASP C 35 -26.64 2.42 -9.92
N ARG C 36 -26.94 1.16 -9.67
CA ARG C 36 -26.07 0.29 -8.90
C ARG C 36 -25.73 -1.03 -9.56
N VAL C 37 -24.54 -1.52 -9.22
CA VAL C 37 -24.11 -2.85 -9.59
C VAL C 37 -23.83 -3.59 -8.26
N ALA C 38 -24.22 -4.85 -8.17
CA ALA C 38 -23.94 -5.62 -6.99
C ALA C 38 -22.86 -6.63 -7.36
N ILE C 39 -21.83 -6.72 -6.53
CA ILE C 39 -20.76 -7.67 -6.76
C ILE C 39 -20.85 -8.69 -5.65
N GLU C 40 -21.07 -9.95 -6.05
CA GLU C 40 -21.23 -11.05 -5.14
C GLU C 40 -20.23 -12.15 -5.40
N LYS C 41 -20.27 -13.17 -4.54
CA LYS C 41 -19.45 -14.34 -4.69
C LYS C 41 -17.98 -14.01 -4.88
N ASP C 42 -17.44 -13.17 -3.99
CA ASP C 42 -16.02 -12.79 -4.04
C ASP C 42 -15.56 -12.22 -5.39
N GLY C 43 -16.45 -11.52 -6.10
CA GLY C 43 -16.12 -10.91 -7.40
C GLY C 43 -16.55 -11.66 -8.66
N ASN C 44 -17.06 -12.87 -8.51
CA ASN C 44 -17.48 -13.71 -9.64
C ASN C 44 -18.93 -13.52 -10.13
N ALA C 45 -19.70 -12.67 -9.46
CA ALA C 45 -21.10 -12.41 -9.88
C ALA C 45 -21.31 -10.91 -9.93
N ILE C 46 -21.62 -10.41 -11.13
CA ILE C 46 -21.85 -8.98 -11.37
C ILE C 46 -23.32 -8.83 -11.71
N ILE C 47 -24.05 -8.00 -10.96
CA ILE C 47 -25.48 -7.83 -11.18
C ILE C 47 -25.85 -6.36 -11.33
N PHE C 48 -26.22 -5.95 -12.53
CA PHE C 48 -26.71 -4.59 -12.75
C PHE C 48 -28.13 -4.55 -12.22
N LEU C 49 -28.35 -3.72 -11.19
CA LEU C 49 -29.66 -3.57 -10.54
C LEU C 49 -30.53 -2.46 -11.19
N GLU C 50 -31.83 -2.74 -11.28
CA GLU C 50 -32.78 -1.75 -11.83
C GLU C 50 -33.01 -0.57 -10.87
N LYS C 51 -33.36 0.57 -11.46
CA LYS C 51 -33.60 1.86 -10.79
C LYS C 51 -34.13 1.78 -9.36
N ASP C 52 -35.38 1.36 -9.19
CA ASP C 52 -35.99 1.32 -7.87
C ASP C 52 -36.04 -0.10 -7.29
N GLU C 53 -35.08 -0.94 -7.66
CA GLU C 53 -35.09 -2.35 -7.25
C GLU C 53 -34.44 -2.61 -5.89
N GLU C 54 -35.16 -3.31 -5.02
CA GLU C 54 -34.65 -3.64 -3.68
C GLU C 54 -33.63 -4.77 -3.73
N TYR C 55 -32.40 -4.50 -3.29
CA TYR C 55 -31.36 -5.55 -3.24
C TYR C 55 -31.21 -6.16 -1.81
N SER C 56 -31.33 -7.49 -1.73
CA SER C 56 -31.24 -8.22 -0.47
C SER C 56 -30.11 -9.24 -0.37
N GLY C 57 -29.12 -9.21 -1.27
N GLY C 57 -29.21 -9.17 -1.35
CA GLY C 57 -28.12 -10.31 -1.39
CA GLY C 57 -28.04 -10.01 -1.36
C GLY C 57 -26.76 -10.50 -0.70
C GLY C 57 -27.05 -9.36 -0.43
N ASN C 58 -26.26 -9.48 0.01
N ASN C 58 -25.95 -10.03 -0.23
CA ASN C 58 -24.93 -9.46 0.75
CA ASN C 58 -24.95 -9.56 0.70
C ASN C 58 -23.68 -9.11 -0.06
C ASN C 58 -23.68 -9.12 -0.05
N GLY C 59 -23.84 -8.77 -1.33
CA GLY C 59 -22.73 -8.36 -2.15
C GLY C 59 -22.34 -6.95 -1.79
N LYS C 60 -21.37 -6.41 -2.52
CA LYS C 60 -20.95 -5.04 -2.31
C LYS C 60 -21.76 -4.21 -3.33
N LEU C 61 -22.27 -3.05 -2.91
CA LEU C 61 -23.01 -2.17 -3.80
C LEU C 61 -22.09 -1.06 -4.33
N LEU C 62 -21.99 -1.02 -5.67
CA LEU C 62 -21.22 -0.01 -6.35
C LEU C 62 -22.25 0.95 -6.91
N TYR C 63 -22.00 2.23 -6.75
CA TYR C 63 -22.90 3.28 -7.15
C TYR C 63 -22.29 4.06 -8.29
N GLN C 64 -23.09 4.37 -9.29
CA GLN C 64 -22.61 5.15 -10.39
C GLN C 64 -22.17 6.54 -9.92
N VAL C 65 -21.02 6.98 -10.42
CA VAL C 65 -20.48 8.30 -10.09
C VAL C 65 -20.05 9.07 -11.35
N ILE C 66 -19.92 10.39 -11.19
CA ILE C 66 -19.41 11.24 -12.24
C ILE C 66 -17.92 10.96 -12.26
N TYR C 67 -17.36 10.67 -13.43
CA TYR C 67 -15.93 10.38 -13.49
C TYR C 67 -15.11 11.67 -13.34
N ASP C 68 -14.14 11.62 -12.43
CA ASP C 68 -13.28 12.77 -12.15
C ASP C 68 -11.83 12.37 -11.83
N ASP C 69 -11.28 11.49 -12.65
CA ASP C 69 -9.91 10.99 -12.54
C ASP C 69 -9.91 9.81 -11.60
N LEU C 70 -9.45 8.68 -12.13
CA LEU C 70 -9.48 7.41 -11.42
C LEU C 70 -8.58 7.47 -10.18
N ALA C 71 -7.55 8.31 -10.22
CA ALA C 71 -6.63 8.57 -9.09
C ALA C 71 -7.37 8.89 -7.79
N LYS C 72 -8.60 9.41 -7.90
CA LYS C 72 -9.44 9.71 -6.74
C LYS C 72 -9.67 8.47 -5.87
N TYR C 73 -9.68 7.30 -6.51
CA TYR C 73 -9.93 6.04 -5.83
C TYR C 73 -8.73 5.13 -5.70
N MSE C 74 -7.53 5.72 -5.79
CA MSE C 74 -6.26 5.00 -5.79
C MSE C 74 -5.29 5.53 -4.76
O MSE C 74 -5.22 6.74 -4.47
CB MSE C 74 -5.55 5.12 -7.14
CG MSE C 74 -6.28 4.44 -8.29
SE MSE C 74 -5.66 4.90 -10.04
CE MSE C 74 -3.87 4.07 -9.95
N SER C 75 -4.56 4.60 -4.17
CA SER C 75 -3.49 4.90 -3.24
C SER C 75 -2.24 4.50 -4.03
N LEU C 76 -1.47 5.50 -4.47
CA LEU C 76 -0.32 5.28 -5.36
C LEU C 76 -0.89 4.52 -6.58
N ASP C 77 -0.35 3.35 -6.92
CA ASP C 77 -0.85 2.58 -8.08
C ASP C 77 -1.94 1.54 -7.77
N THR C 78 -2.50 1.55 -6.56
CA THR C 78 -3.47 0.53 -6.12
C THR C 78 -4.91 1.06 -5.91
N LEU C 79 -5.93 0.38 -6.46
CA LEU C 79 -7.31 0.78 -6.19
C LEU C 79 -7.69 0.64 -4.71
N LYS C 80 -8.28 1.68 -4.14
CA LYS C 80 -8.70 1.65 -2.73
C LYS C 80 -10.11 1.14 -2.58
N LYS C 81 -10.89 1.12 -3.64
CA LYS C 81 -12.29 0.68 -3.58
C LYS C 81 -12.59 -0.21 -4.77
N ASP C 82 -13.65 -1.00 -4.67
CA ASP C 82 -14.09 -1.80 -5.80
C ASP C 82 -14.65 -0.78 -6.80
N VAL C 83 -14.32 -1.01 -8.07
CA VAL C 83 -14.76 -0.15 -9.14
C VAL C 83 -15.18 -1.00 -10.35
N LEU C 84 -16.33 -0.68 -10.94
CA LEU C 84 -16.73 -1.34 -12.18
C LEU C 84 -16.86 -0.25 -13.27
N ILE C 85 -16.24 -0.51 -14.42
CA ILE C 85 -16.27 0.42 -15.55
C ILE C 85 -17.05 -0.27 -16.67
N GLN C 86 -18.09 0.38 -17.14
CA GLN C 86 -18.95 -0.15 -18.20
C GLN C 86 -18.81 0.73 -19.44
N TYR C 87 -18.39 0.12 -20.55
CA TYR C 87 -18.09 0.84 -21.76
C TYR C 87 -19.33 1.18 -22.62
N PRO C 88 -19.24 2.32 -23.37
CA PRO C 88 -20.35 2.80 -24.23
C PRO C 88 -20.79 1.89 -25.40
N ASP C 89 -20.09 0.78 -25.64
CA ASP C 89 -20.45 -0.15 -26.70
C ASP C 89 -21.63 -1.00 -26.24
N LYS C 90 -21.97 -0.93 -24.95
CA LYS C 90 -23.10 -1.69 -24.43
C LYS C 90 -22.83 -3.23 -24.43
N HIS C 91 -21.56 -3.62 -24.45
N HIS C 91 -21.55 -3.61 -24.41
CA HIS C 91 -21.13 -5.02 -24.46
CA HIS C 91 -21.17 -5.02 -24.45
C HIS C 91 -20.02 -5.33 -23.47
C HIS C 91 -19.95 -5.38 -23.61
N THR C 92 -19.10 -4.40 -23.28
CA THR C 92 -17.88 -4.62 -22.50
C THR C 92 -17.80 -3.94 -21.15
N LEU C 93 -17.14 -4.61 -20.19
CA LEU C 93 -16.95 -4.07 -18.86
C LEU C 93 -15.66 -4.60 -18.24
N THR C 94 -15.14 -3.85 -17.28
CA THR C 94 -13.99 -4.23 -16.48
C THR C 94 -14.39 -4.09 -15.02
N TYR C 95 -14.22 -5.15 -14.24
CA TYR C 95 -14.43 -5.11 -12.77
C TYR C 95 -13.05 -5.16 -12.07
N LEU C 96 -12.80 -4.19 -11.20
CA LEU C 96 -11.53 -4.08 -10.48
C LEU C 96 -11.75 -4.03 -8.98
N LYS C 97 -11.41 -5.13 -8.30
CA LYS C 97 -11.49 -5.23 -6.83
C LYS C 97 -10.50 -4.26 -6.13
N ALA C 98 -10.86 -3.74 -4.96
CA ALA C 98 -9.92 -2.96 -4.17
C ALA C 98 -8.64 -3.78 -4.09
N GLY C 99 -7.49 -3.12 -4.14
CA GLY C 99 -6.20 -3.81 -4.14
C GLY C 99 -5.63 -4.10 -5.52
N THR C 100 -6.41 -3.85 -6.57
CA THR C 100 -5.96 -4.08 -7.94
C THR C 100 -4.92 -3.00 -8.30
N LYS C 101 -3.79 -3.41 -8.85
CA LYS C 101 -2.74 -2.47 -9.25
C LYS C 101 -2.87 -2.14 -10.72
N LEU C 102 -2.80 -0.83 -10.99
CA LEU C 102 -2.90 -0.26 -12.31
C LEU C 102 -1.59 0.45 -12.71
N ILE C 103 -1.43 0.62 -14.01
CA ILE C 103 -0.30 1.34 -14.57
C ILE C 103 -0.85 2.68 -15.06
N SER C 104 -0.26 3.78 -14.59
CA SER C 104 -0.59 5.15 -15.00
C SER C 104 0.43 5.60 -16.03
N VAL C 105 -0.03 6.00 -17.21
CA VAL C 105 0.85 6.41 -18.29
C VAL C 105 0.59 7.88 -18.57
N PRO C 106 1.49 8.78 -18.12
CA PRO C 106 1.23 10.19 -18.38
C PRO C 106 1.62 10.59 -19.79
N ALA C 107 0.91 11.60 -20.30
CA ALA C 107 1.15 12.19 -21.62
C ALA C 107 1.18 13.71 -21.35
N GLU C 108 2.40 14.26 -21.28
CA GLU C 108 2.64 15.65 -20.92
C GLU C 108 3.47 16.38 -21.95
N GLY C 109 3.00 17.56 -22.36
CA GLY C 109 3.68 18.38 -23.36
C GLY C 109 2.94 19.69 -23.59
N TYR C 110 3.51 20.57 -24.44
CA TYR C 110 2.87 21.85 -24.76
C TYR C 110 1.45 21.58 -25.29
N LYS C 111 1.33 20.64 -26.23
CA LYS C 111 0.03 20.17 -26.75
C LYS C 111 0.11 18.65 -26.76
N VAL C 112 -0.95 18.01 -26.27
CA VAL C 112 -0.99 16.55 -26.22
C VAL C 112 -2.18 16.11 -27.05
N TYR C 113 -1.94 15.16 -27.95
CA TYR C 113 -2.98 14.54 -28.78
C TYR C 113 -3.09 13.06 -28.43
N PRO C 114 -3.97 12.72 -27.49
CA PRO C 114 -4.12 11.36 -27.06
C PRO C 114 -5.18 10.56 -27.76
N ILE C 115 -5.10 9.21 -27.69
CA ILE C 115 -6.20 8.35 -28.16
C ILE C 115 -7.34 8.67 -27.20
N MSE C 116 -8.41 9.26 -27.71
N MSE C 116 -8.43 9.15 -27.77
CA MSE C 116 -9.61 9.58 -26.94
CA MSE C 116 -9.62 9.56 -27.05
C MSE C 116 -10.51 8.36 -27.04
C MSE C 116 -10.53 8.35 -27.06
O MSE C 116 -11.40 8.31 -27.88
O MSE C 116 -11.48 8.29 -27.84
CB MSE C 116 -10.36 10.78 -27.51
CB MSE C 116 -10.26 10.72 -27.82
CG MSE C 116 -9.72 12.16 -27.32
CG MSE C 116 -9.25 11.84 -28.26
SE MSE C 116 -9.89 12.70 -25.50
SE MSE C 116 -9.85 12.95 -29.73
CE MSE C 116 -11.80 12.47 -25.27
CE MSE C 116 -9.92 11.65 -31.20
N ASP C 117 -10.25 7.36 -26.21
CA ASP C 117 -11.02 6.10 -26.24
C ASP C 117 -10.80 5.35 -24.95
N PHE C 118 -11.63 4.34 -24.70
CA PHE C 118 -11.60 3.62 -23.44
C PHE C 118 -11.86 2.17 -23.68
N GLY C 119 -11.26 1.32 -22.87
CA GLY C 119 -11.47 -0.12 -22.93
C GLY C 119 -10.93 -0.77 -24.18
N PHE C 120 -9.66 -0.52 -24.49
CA PHE C 120 -9.07 -1.10 -25.69
C PHE C 120 -7.77 -1.75 -25.34
N ARG C 121 -7.54 -2.89 -25.96
CA ARG C 121 -6.33 -3.63 -25.71
C ARG C 121 -5.21 -3.12 -26.61
N VAL C 122 -3.99 -3.18 -26.05
CA VAL C 122 -2.77 -2.77 -26.75
C VAL C 122 -1.61 -3.75 -26.45
N LEU C 123 -0.63 -3.69 -27.32
CA LEU C 123 0.56 -4.43 -27.18
C LEU C 123 1.60 -3.46 -26.70
N LYS C 124 2.57 -3.96 -25.96
CA LYS C 124 3.68 -3.10 -25.52
C LYS C 124 4.27 -2.33 -26.71
N GLY C 125 4.38 -1.02 -26.57
CA GLY C 125 4.91 -0.14 -27.65
C GLY C 125 3.87 0.55 -28.53
N TYR C 126 2.62 0.17 -28.36
CA TYR C 126 1.53 0.79 -29.08
C TYR C 126 1.51 2.29 -28.77
N ARG C 127 1.30 3.14 -29.79
CA ARG C 127 1.30 4.59 -29.57
C ARG C 127 0.00 5.10 -28.98
N LEU C 128 0.11 5.73 -27.81
CA LEU C 128 -1.03 6.26 -27.09
C LEU C 128 -1.22 7.78 -27.25
N ALA C 129 -0.16 8.50 -27.59
CA ALA C 129 -0.26 9.97 -27.67
C ALA C 129 0.88 10.59 -28.45
N THR C 130 0.59 11.75 -29.05
CA THR C 130 1.60 12.58 -29.67
C THR C 130 1.75 13.84 -28.83
N LEU C 131 3.00 14.23 -28.57
CA LEU C 131 3.31 15.45 -27.82
C LEU C 131 3.92 16.43 -28.82
N GLU C 132 3.39 17.66 -28.86
CA GLU C 132 3.88 18.70 -29.76
C GLU C 132 4.40 19.86 -28.93
N SER C 133 5.64 20.28 -29.18
CA SER C 133 6.24 21.37 -28.46
C SER C 133 5.77 22.66 -29.11
N LYS C 134 6.02 23.76 -28.43
CA LYS C 134 5.65 25.06 -28.95
C LYS C 134 6.38 25.39 -30.28
N LYS C 135 7.55 24.78 -30.49
CA LYS C 135 8.34 24.98 -31.69
C LYS C 135 7.98 23.95 -32.79
N GLY C 136 7.05 23.05 -32.49
CA GLY C 136 6.56 22.07 -33.42
C GLY C 136 7.16 20.68 -33.43
N ASP C 137 8.04 20.37 -32.46
CA ASP C 137 8.74 19.08 -32.39
C ASP C 137 7.82 18.01 -31.85
N LEU C 138 7.82 16.85 -32.49
CA LEU C 138 6.95 15.74 -32.07
C LEU C 138 7.66 14.66 -31.23
N ARG C 139 6.96 14.18 -30.19
CA ARG C 139 7.41 13.07 -29.32
C ARG C 139 6.22 12.19 -29.14
N TYR C 140 6.45 10.93 -28.80
CA TYR C 140 5.35 9.96 -28.66
C TYR C 140 5.36 9.28 -27.32
N VAL C 141 4.17 8.87 -26.88
CA VAL C 141 3.97 8.16 -25.63
C VAL C 141 3.42 6.80 -26.04
N ASN C 142 4.20 5.78 -25.75
CA ASN C 142 3.83 4.42 -26.10
C ASN C 142 3.43 3.64 -24.87
N SER C 143 2.66 2.57 -25.06
CA SER C 143 2.28 1.74 -23.93
C SER C 143 3.51 0.97 -23.42
N PRO C 144 3.76 1.00 -22.07
CA PRO C 144 4.90 0.30 -21.50
C PRO C 144 4.65 -1.19 -21.32
N VAL C 145 3.39 -1.62 -21.40
CA VAL C 145 3.05 -3.03 -21.28
C VAL C 145 1.96 -3.45 -22.26
N SER C 146 1.78 -4.76 -22.39
CA SER C 146 0.63 -5.28 -23.10
C SER C 146 -0.50 -5.34 -22.07
N GLY C 147 -1.71 -5.00 -22.48
CA GLY C 147 -2.84 -5.01 -21.56
C GLY C 147 -3.99 -4.16 -22.05
N THR C 148 -4.81 -3.68 -21.12
CA THR C 148 -5.99 -2.93 -21.49
C THR C 148 -5.97 -1.50 -20.97
N VAL C 149 -6.17 -0.55 -21.88
CA VAL C 149 -6.31 0.84 -21.47
C VAL C 149 -7.77 0.88 -20.96
N ILE C 150 -7.95 1.09 -19.65
CA ILE C 150 -9.30 1.07 -19.06
C ILE C 150 -9.92 2.48 -18.94
N PHE C 151 -9.09 3.50 -18.82
CA PHE C 151 -9.60 4.85 -18.76
C PHE C 151 -8.52 5.82 -19.15
N MSE C 152 -8.90 6.98 -19.63
CA MSE C 152 -7.97 8.05 -19.92
C MSE C 152 -8.72 9.33 -19.59
O MSE C 152 -9.97 9.35 -19.61
CB MSE C 152 -7.51 8.02 -21.37
CG MSE C 152 -8.59 8.17 -22.41
SE MSE C 152 -9.01 10.03 -22.77
CE MSE C 152 -7.19 10.38 -23.36
N ASN C 153 -7.98 10.38 -19.30
CA ASN C 153 -8.57 11.66 -19.03
C ASN C 153 -7.53 12.76 -18.93
N GLU C 154 -8.02 13.99 -19.09
CA GLU C 154 -7.17 15.13 -18.89
C GLU C 154 -6.85 15.13 -17.39
N ILE C 155 -5.67 15.63 -17.02
CA ILE C 155 -5.21 15.72 -15.64
C ILE C 155 -5.85 17.00 -15.07
N PRO C 156 -6.64 16.86 -14.00
CA PRO C 156 -7.37 18.03 -13.48
C PRO C 156 -6.49 19.24 -13.11
N SER C 157 -5.34 18.97 -12.53
CA SER C 157 -4.42 20.04 -12.13
C SER C 157 -3.75 20.71 -13.33
N GLU C 158 -3.73 20.04 -14.47
CA GLU C 158 -3.21 20.61 -15.72
C GLU C 158 -3.83 19.94 -16.95
N ARG C 159 -5.02 20.42 -17.32
CA ARG C 159 -5.84 19.82 -18.38
C ARG C 159 -5.22 19.70 -19.77
N ALA C 160 -4.09 20.39 -20.01
CA ALA C 160 -3.36 20.24 -21.27
C ALA C 160 -2.80 18.82 -21.39
N ASN C 161 -2.48 18.24 -20.22
CA ASN C 161 -1.91 16.92 -20.08
C ASN C 161 -2.97 15.83 -19.85
N TYR C 162 -2.63 14.59 -20.19
CA TYR C 162 -3.54 13.45 -20.08
C TYR C 162 -2.86 12.30 -19.33
N VAL C 163 -3.67 11.38 -18.83
CA VAL C 163 -3.16 10.19 -18.18
C VAL C 163 -4.00 9.02 -18.70
N PHE C 164 -3.34 7.90 -18.98
CA PHE C 164 -4.00 6.66 -19.37
C PHE C 164 -3.86 5.70 -18.18
N TYR C 165 -4.94 5.01 -17.84
CA TYR C 165 -4.91 4.00 -16.77
C TYR C 165 -5.02 2.65 -17.42
N MSE C 166 -4.06 1.77 -17.15
CA MSE C 166 -4.09 0.43 -17.74
C MSE C 166 -4.04 -0.72 -16.72
O MSE C 166 -3.57 -0.60 -15.59
CB MSE C 166 -2.92 0.22 -18.70
CG MSE C 166 -2.65 1.32 -19.69
SE MSE C 166 -1.15 0.81 -20.82
CE MSE C 166 -1.71 -1.05 -21.16
N LEU C 167 -4.51 -1.85 -17.20
CA LEU C 167 -4.45 -3.12 -16.50
C LEU C 167 -3.51 -3.98 -17.33
N GLU C 168 -2.34 -4.28 -16.76
CA GLU C 168 -1.37 -5.11 -17.43
C GLU C 168 -1.87 -6.55 -17.47
N GLU C 169 -1.62 -7.24 -18.57
CA GLU C 169 -2.09 -8.62 -18.68
C GLU C 169 -0.91 -9.56 -18.65
N HIS D 12 2.15 -28.50 -19.70
CA HIS D 12 1.60 -27.12 -19.93
C HIS D 12 0.92 -26.97 -21.31
N GLU D 13 -0.06 -26.05 -21.39
CA GLU D 13 -0.79 -25.76 -22.64
C GLU D 13 -0.42 -24.34 -23.11
N ASN D 14 -0.41 -24.13 -24.42
CA ASN D 14 0.03 -22.85 -24.97
C ASN D 14 -0.96 -21.73 -24.65
N LEU D 15 -0.53 -20.75 -23.87
CA LEU D 15 -1.37 -19.60 -23.52
C LEU D 15 -1.12 -18.43 -24.45
N TYR D 16 -0.16 -18.55 -25.37
CA TYR D 16 0.16 -17.46 -26.28
C TYR D 16 -0.03 -17.75 -27.77
N PHE D 17 -0.37 -16.68 -28.49
CA PHE D 17 -0.48 -16.69 -29.95
C PHE D 17 0.00 -15.32 -30.45
N GLN D 18 1.13 -15.34 -31.16
CA GLN D 18 1.75 -14.16 -31.76
C GLN D 18 2.05 -13.04 -30.79
N GLY D 19 2.78 -13.41 -29.74
CA GLY D 19 3.21 -12.45 -28.74
C GLY D 19 2.17 -11.92 -27.77
N MSE D 20 0.94 -12.45 -27.85
CA MSE D 20 -0.11 -12.09 -26.91
C MSE D 20 -0.86 -13.29 -26.35
O MSE D 20 -1.02 -14.32 -26.98
CB MSE D 20 -1.12 -11.13 -27.53
CG MSE D 20 -0.51 -9.90 -28.16
SE MSE D 20 -1.86 -8.51 -28.25
CE MSE D 20 -1.76 -7.85 -26.38
N LYS D 21 -1.31 -13.11 -25.11
CA LYS D 21 -2.15 -14.09 -24.44
C LYS D 21 -3.45 -14.26 -25.28
N ILE D 22 -3.92 -15.50 -25.40
CA ILE D 22 -5.15 -15.88 -26.11
C ILE D 22 -6.30 -15.65 -25.13
N PRO D 23 -7.42 -15.05 -25.60
CA PRO D 23 -8.60 -14.86 -24.78
C PRO D 23 -9.36 -16.13 -24.43
N LYS D 24 -10.20 -16.05 -23.40
CA LYS D 24 -11.07 -17.16 -23.00
C LYS D 24 -12.43 -16.90 -23.59
N ILE D 25 -12.92 -17.83 -24.41
CA ILE D 25 -14.24 -17.72 -25.03
C ILE D 25 -15.24 -18.77 -24.49
N TYR D 26 -16.43 -18.28 -24.09
CA TYR D 26 -17.54 -19.13 -23.56
C TYR D 26 -18.72 -19.03 -24.53
N VAL D 27 -19.29 -20.16 -24.96
CA VAL D 27 -20.40 -20.12 -25.93
C VAL D 27 -21.63 -20.84 -25.37
N GLU D 28 -22.80 -20.24 -25.63
CA GLU D 28 -24.08 -20.78 -25.19
C GLU D 28 -24.37 -22.12 -25.85
N GLY D 29 -24.92 -23.06 -25.07
CA GLY D 29 -25.34 -24.37 -25.57
C GLY D 29 -24.29 -25.42 -25.91
N GLU D 30 -23.01 -25.12 -25.72
CA GLU D 30 -21.95 -26.07 -26.05
C GLU D 30 -21.63 -26.93 -24.83
N LEU D 31 -22.60 -27.73 -24.38
CA LEU D 31 -22.43 -28.61 -23.21
C LEU D 31 -21.10 -29.37 -23.25
N ASN D 32 -20.28 -29.17 -22.23
CA ASN D 32 -19.00 -29.88 -22.04
C ASN D 32 -18.54 -29.87 -20.55
N ASP D 33 -17.31 -30.33 -20.31
CA ASP D 33 -16.76 -30.42 -18.96
C ASP D 33 -16.03 -29.14 -18.52
N GLY D 34 -16.07 -28.10 -19.36
CA GLY D 34 -15.34 -26.84 -19.09
C GLY D 34 -15.97 -25.85 -18.12
N ASP D 35 -15.32 -24.71 -17.99
CA ASP D 35 -15.82 -23.63 -17.13
C ASP D 35 -17.09 -23.06 -17.71
N ARG D 36 -17.91 -22.51 -16.83
CA ARG D 36 -19.20 -21.97 -17.20
C ARG D 36 -19.44 -20.58 -16.64
N VAL D 37 -20.35 -19.89 -17.32
CA VAL D 37 -20.80 -18.58 -16.91
C VAL D 37 -22.32 -18.59 -17.16
N ALA D 38 -23.07 -18.27 -16.11
CA ALA D 38 -24.53 -18.17 -16.19
C ALA D 38 -24.92 -16.71 -16.50
N ILE D 39 -25.77 -16.53 -17.51
CA ILE D 39 -26.29 -15.21 -17.89
C ILE D 39 -27.75 -15.13 -17.38
N GLU D 40 -27.98 -14.27 -16.39
CA GLU D 40 -29.30 -14.09 -15.79
C GLU D 40 -29.81 -12.65 -15.99
N LYS D 41 -31.09 -12.43 -15.63
CA LYS D 41 -31.77 -11.14 -15.73
C LYS D 41 -31.68 -10.50 -17.13
N ASP D 42 -31.89 -11.30 -18.17
CA ASP D 42 -31.83 -10.81 -19.57
C ASP D 42 -30.49 -10.18 -19.92
N GLY D 43 -29.39 -10.75 -19.43
CA GLY D 43 -28.04 -10.20 -19.70
C GLY D 43 -27.49 -9.21 -18.68
N ASN D 44 -28.26 -8.92 -17.64
CA ASN D 44 -27.88 -7.97 -16.59
C ASN D 44 -27.14 -8.58 -15.41
N ALA D 45 -27.07 -9.91 -15.38
CA ALA D 45 -26.35 -10.63 -14.35
C ALA D 45 -25.41 -11.64 -15.03
N ILE D 46 -24.11 -11.51 -14.74
CA ILE D 46 -23.08 -12.40 -15.30
C ILE D 46 -22.47 -13.14 -14.10
N ILE D 47 -22.53 -14.46 -14.11
CA ILE D 47 -22.08 -15.27 -12.97
C ILE D 47 -21.06 -16.30 -13.40
N PHE D 48 -19.78 -16.06 -13.10
CA PHE D 48 -18.74 -17.07 -13.36
C PHE D 48 -18.81 -18.18 -12.29
N LEU D 49 -19.16 -19.38 -12.72
CA LEU D 49 -19.31 -20.55 -11.85
C LEU D 49 -18.00 -21.33 -11.59
N GLU D 50 -17.86 -21.82 -10.35
CA GLU D 50 -16.69 -22.61 -9.93
C GLU D 50 -16.81 -24.02 -10.55
N LYS D 51 -15.66 -24.63 -10.85
CA LYS D 51 -15.59 -25.97 -11.48
C LYS D 51 -16.51 -27.06 -10.87
N ASP D 52 -16.62 -27.12 -9.54
CA ASP D 52 -17.48 -28.12 -8.87
C ASP D 52 -18.85 -27.55 -8.47
N GLU D 53 -19.17 -26.35 -8.96
CA GLU D 53 -20.43 -25.65 -8.63
C GLU D 53 -21.69 -26.20 -9.30
N GLU D 54 -22.76 -26.34 -8.51
CA GLU D 54 -24.07 -26.71 -9.05
C GLU D 54 -24.65 -25.42 -9.65
N TYR D 55 -25.86 -25.47 -10.19
CA TYR D 55 -26.53 -24.27 -10.71
C TYR D 55 -28.01 -24.54 -11.03
N SER D 56 -28.90 -23.99 -10.20
CA SER D 56 -30.35 -24.14 -10.35
C SER D 56 -31.00 -22.76 -10.56
N GLY D 57 -30.41 -21.97 -11.45
CA GLY D 57 -30.93 -20.63 -11.77
C GLY D 57 -31.75 -20.59 -13.05
N ASN D 58 -32.41 -19.46 -13.30
CA ASN D 58 -33.25 -19.29 -14.49
C ASN D 58 -32.47 -18.80 -15.70
N GLY D 59 -31.14 -18.88 -15.67
CA GLY D 59 -30.33 -18.33 -16.74
C GLY D 59 -29.78 -19.27 -17.79
N LYS D 60 -29.12 -18.66 -18.78
CA LYS D 60 -28.42 -19.36 -19.86
C LYS D 60 -27.02 -19.74 -19.40
N LEU D 61 -26.57 -20.93 -19.79
CA LEU D 61 -25.21 -21.36 -19.50
C LEU D 61 -24.34 -21.26 -20.75
N LEU D 62 -23.17 -20.68 -20.56
CA LEU D 62 -22.18 -20.55 -21.61
C LEU D 62 -20.97 -21.41 -21.19
N TYR D 63 -20.56 -22.31 -22.07
CA TYR D 63 -19.46 -23.23 -21.77
C TYR D 63 -18.17 -22.83 -22.50
N GLN D 64 -17.04 -22.91 -21.78
CA GLN D 64 -15.75 -22.58 -22.36
C GLN D 64 -15.40 -23.51 -23.50
N VAL D 65 -14.96 -22.93 -24.61
CA VAL D 65 -14.54 -23.64 -25.81
C VAL D 65 -13.18 -23.12 -26.32
N ILE D 66 -12.63 -23.83 -27.29
CA ILE D 66 -11.38 -23.46 -27.91
C ILE D 66 -11.61 -22.15 -28.68
N TYR D 67 -10.63 -21.27 -28.60
CA TYR D 67 -10.60 -20.01 -29.35
C TYR D 67 -9.95 -20.41 -30.70
N ASP D 68 -10.78 -20.74 -31.68
CA ASP D 68 -10.33 -21.17 -33.02
C ASP D 68 -10.99 -20.35 -34.10
N ASP D 69 -12.30 -20.53 -34.29
CA ASP D 69 -13.03 -19.68 -35.25
C ASP D 69 -14.45 -19.45 -34.73
N LEU D 70 -15.02 -18.34 -35.16
CA LEU D 70 -16.34 -17.87 -34.74
C LEU D 70 -17.46 -18.22 -35.73
N ALA D 71 -17.11 -18.59 -36.96
CA ALA D 71 -18.11 -18.83 -38.01
C ALA D 71 -19.11 -19.93 -37.70
N LYS D 72 -18.66 -20.98 -37.01
CA LYS D 72 -19.56 -22.08 -36.65
C LYS D 72 -20.72 -21.67 -35.72
N TYR D 73 -20.50 -20.62 -34.93
CA TYR D 73 -21.52 -20.06 -34.02
C TYR D 73 -22.33 -18.91 -34.66
N MSE D 74 -22.10 -18.66 -35.96
CA MSE D 74 -22.78 -17.59 -36.69
C MSE D 74 -23.58 -18.12 -37.87
O MSE D 74 -23.22 -19.14 -38.47
CB MSE D 74 -21.76 -16.62 -37.26
CG MSE D 74 -21.00 -15.88 -36.22
SE MSE D 74 -19.42 -15.07 -37.01
CE MSE D 74 -20.22 -13.62 -38.07
N SER D 75 -24.67 -17.44 -38.17
CA SER D 75 -25.49 -17.68 -39.33
C SER D 75 -25.26 -16.45 -40.19
N LEU D 76 -24.51 -16.62 -41.27
CA LEU D 76 -24.06 -15.54 -42.15
C LEU D 76 -23.28 -14.56 -41.26
N ASP D 77 -23.76 -13.34 -41.08
CA ASP D 77 -23.00 -12.33 -40.29
C ASP D 77 -23.45 -12.16 -38.84
N THR D 78 -24.41 -12.98 -38.41
CA THR D 78 -25.01 -12.86 -37.10
C THR D 78 -24.73 -14.03 -36.16
N LEU D 79 -24.34 -13.72 -34.93
CA LEU D 79 -24.16 -14.75 -33.90
C LEU D 79 -25.49 -15.41 -33.62
N LYS D 80 -25.56 -16.72 -33.69
CA LYS D 80 -26.80 -17.43 -33.41
C LYS D 80 -26.81 -18.00 -32.00
N LYS D 81 -25.72 -17.76 -31.27
CA LYS D 81 -25.56 -18.20 -29.89
C LYS D 81 -24.96 -17.06 -29.09
N ASP D 82 -25.33 -16.94 -27.82
CA ASP D 82 -24.69 -15.95 -26.96
C ASP D 82 -23.23 -16.34 -26.79
N VAL D 83 -22.37 -15.33 -26.68
CA VAL D 83 -20.95 -15.56 -26.56
C VAL D 83 -20.39 -14.58 -25.54
N LEU D 84 -19.44 -15.04 -24.71
CA LEU D 84 -18.80 -14.13 -23.75
C LEU D 84 -17.30 -14.31 -23.87
N ILE D 85 -16.56 -13.22 -24.01
CA ILE D 85 -15.10 -13.36 -24.11
C ILE D 85 -14.41 -12.63 -22.96
N GLN D 86 -13.54 -13.34 -22.26
CA GLN D 86 -12.79 -12.74 -21.15
C GLN D 86 -11.41 -12.32 -21.68
N TYR D 87 -11.06 -11.06 -21.42
CA TYR D 87 -9.79 -10.50 -21.88
C TYR D 87 -8.65 -11.11 -21.06
N PRO D 88 -7.48 -11.30 -21.69
CA PRO D 88 -6.36 -11.87 -20.95
C PRO D 88 -5.96 -11.10 -19.66
N ASP D 89 -6.37 -9.84 -19.51
CA ASP D 89 -6.13 -9.12 -18.25
C ASP D 89 -6.88 -9.75 -17.06
N LYS D 90 -7.84 -10.62 -17.39
CA LYS D 90 -8.65 -11.36 -16.41
C LYS D 90 -9.72 -10.54 -15.66
N HIS D 91 -9.94 -9.29 -16.07
CA HIS D 91 -10.90 -8.42 -15.39
C HIS D 91 -11.92 -7.83 -16.35
N THR D 92 -11.54 -7.75 -17.62
CA THR D 92 -12.37 -7.22 -18.67
C THR D 92 -13.03 -8.38 -19.40
N LEU D 93 -14.27 -8.15 -19.81
CA LEU D 93 -15.07 -9.13 -20.55
C LEU D 93 -15.98 -8.41 -21.56
N THR D 94 -16.31 -9.13 -22.62
CA THR D 94 -17.27 -8.65 -23.60
C THR D 94 -18.33 -9.70 -23.79
N TYR D 95 -19.58 -9.29 -23.63
CA TYR D 95 -20.71 -10.17 -23.81
C TYR D 95 -21.49 -9.80 -25.08
N LEU D 96 -21.55 -10.77 -25.99
CA LEU D 96 -22.19 -10.63 -27.29
C LEU D 96 -23.38 -11.58 -27.41
N LYS D 97 -24.58 -11.02 -27.31
CA LYS D 97 -25.84 -11.76 -27.39
C LYS D 97 -26.08 -12.30 -28.79
N ALA D 98 -26.87 -13.37 -28.87
CA ALA D 98 -27.26 -13.94 -30.14
C ALA D 98 -27.98 -12.80 -30.88
N GLY D 99 -27.80 -12.72 -32.20
CA GLY D 99 -28.40 -11.62 -32.96
C GLY D 99 -27.41 -10.50 -33.26
N THR D 100 -26.33 -10.41 -32.51
CA THR D 100 -25.30 -9.39 -32.75
C THR D 100 -24.67 -9.61 -34.13
N LYS D 101 -24.63 -8.55 -34.95
CA LYS D 101 -24.00 -8.58 -36.26
C LYS D 101 -22.51 -8.30 -36.08
N LEU D 102 -21.71 -9.03 -36.85
CA LEU D 102 -20.26 -8.88 -36.83
C LEU D 102 -19.76 -8.74 -38.26
N ILE D 103 -18.63 -8.06 -38.43
N ILE D 103 -18.61 -8.09 -38.42
CA ILE D 103 -18.01 -7.89 -39.76
CA ILE D 103 -18.01 -7.89 -39.74
C ILE D 103 -16.82 -8.82 -39.91
C ILE D 103 -16.81 -8.83 -39.90
N SER D 104 -16.87 -9.74 -40.87
CA SER D 104 -15.75 -10.69 -41.10
C SER D 104 -14.80 -10.15 -42.15
N VAL D 105 -13.53 -10.03 -41.81
CA VAL D 105 -12.54 -9.52 -42.74
C VAL D 105 -11.39 -10.55 -42.84
N PRO D 106 -11.26 -11.19 -43.99
CA PRO D 106 -10.19 -12.13 -44.22
C PRO D 106 -8.90 -11.46 -44.68
N ALA D 107 -7.78 -12.13 -44.42
CA ALA D 107 -6.49 -11.67 -44.90
C ALA D 107 -5.75 -12.95 -45.28
N GLU D 108 -5.77 -13.28 -46.58
CA GLU D 108 -5.14 -14.50 -47.11
C GLU D 108 -3.97 -14.11 -48.03
N GLY D 109 -2.86 -14.87 -47.96
CA GLY D 109 -1.68 -14.58 -48.77
C GLY D 109 -0.57 -15.59 -48.56
N TYR D 110 0.56 -15.39 -49.21
CA TYR D 110 1.71 -16.26 -49.02
C TYR D 110 2.13 -16.14 -47.56
N LYS D 111 2.22 -14.90 -47.09
CA LYS D 111 2.55 -14.58 -45.71
C LYS D 111 1.67 -13.41 -45.27
N VAL D 112 1.09 -13.55 -44.08
CA VAL D 112 0.23 -12.55 -43.49
C VAL D 112 0.74 -12.17 -42.09
N TYR D 113 0.82 -10.87 -41.81
CA TYR D 113 1.34 -10.38 -40.54
C TYR D 113 0.30 -9.45 -39.94
N PRO D 114 -0.61 -10.00 -39.12
CA PRO D 114 -1.61 -9.17 -38.48
C PRO D 114 -0.98 -8.15 -37.55
N ILE D 115 -1.51 -6.93 -37.55
CA ILE D 115 -1.01 -5.89 -36.67
C ILE D 115 -2.06 -5.53 -35.60
N MSE D 116 -3.27 -6.09 -35.71
CA MSE D 116 -4.36 -5.90 -34.77
C MSE D 116 -4.66 -7.28 -34.15
O MSE D 116 -4.40 -8.30 -34.77
CB MSE D 116 -5.66 -5.48 -35.44
CG MSE D 116 -5.63 -4.27 -36.33
SE MSE D 116 -5.84 -2.56 -35.50
CE MSE D 116 -4.03 -2.51 -34.80
N ASP D 117 -5.25 -7.30 -32.97
CA ASP D 117 -5.55 -8.54 -32.31
C ASP D 117 -6.83 -8.26 -31.57
N PHE D 118 -7.29 -9.28 -30.86
CA PHE D 118 -8.46 -9.21 -30.06
C PHE D 118 -8.44 -8.02 -29.12
N GLY D 119 -9.59 -7.36 -29.02
CA GLY D 119 -9.78 -6.21 -28.13
C GLY D 119 -9.21 -4.92 -28.61
N PHE D 120 -8.58 -4.92 -29.79
CA PHE D 120 -8.01 -3.69 -30.34
C PHE D 120 -9.09 -2.76 -30.91
N ARG D 121 -8.89 -1.46 -30.74
CA ARG D 121 -9.77 -0.45 -31.33
C ARG D 121 -9.40 -0.31 -32.81
N VAL D 122 -10.41 -0.06 -33.64
CA VAL D 122 -10.15 0.16 -35.06
C VAL D 122 -11.05 1.26 -35.60
N LEU D 123 -10.47 2.07 -36.49
CA LEU D 123 -11.21 3.11 -37.20
C LEU D 123 -11.20 2.62 -38.63
N LYS D 124 -12.22 2.96 -39.39
CA LYS D 124 -12.28 2.54 -40.76
C LYS D 124 -11.03 3.01 -41.50
N GLY D 125 -10.44 2.12 -42.27
CA GLY D 125 -9.21 2.42 -42.98
C GLY D 125 -7.94 1.98 -42.25
N TYR D 126 -8.05 1.60 -40.98
CA TYR D 126 -6.90 1.10 -40.23
C TYR D 126 -6.40 -0.18 -40.85
N ARG D 127 -5.11 -0.38 -40.76
CA ARG D 127 -4.47 -1.56 -41.27
C ARG D 127 -4.65 -2.68 -40.27
N LEU D 128 -5.22 -3.78 -40.76
CA LEU D 128 -5.43 -4.98 -39.98
C LEU D 128 -4.25 -5.94 -40.10
N ALA D 129 -3.70 -6.03 -41.30
CA ALA D 129 -2.60 -6.94 -41.60
C ALA D 129 -1.81 -6.45 -42.82
N THR D 130 -0.52 -6.76 -42.81
CA THR D 130 0.37 -6.59 -43.95
C THR D 130 0.51 -7.98 -44.59
N LEU D 131 0.46 -8.04 -45.92
CA LEU D 131 0.59 -9.30 -46.68
C LEU D 131 1.80 -9.25 -47.59
N GLU D 132 2.52 -10.36 -47.69
CA GLU D 132 3.71 -10.47 -48.53
C GLU D 132 3.56 -11.66 -49.48
N SER D 133 3.83 -11.46 -50.77
CA SER D 133 3.73 -12.53 -51.77
C SER D 133 5.05 -13.30 -51.84
N LYS D 134 5.08 -14.42 -52.56
CA LYS D 134 6.34 -15.18 -52.67
C LYS D 134 7.43 -14.32 -53.33
N LYS D 135 7.01 -13.45 -54.26
CA LYS D 135 7.92 -12.49 -54.92
C LYS D 135 8.40 -11.33 -54.02
N GLY D 136 7.78 -11.12 -52.86
CA GLY D 136 8.20 -10.07 -51.93
C GLY D 136 7.37 -8.79 -51.95
N ASP D 137 6.29 -8.79 -52.72
CA ASP D 137 5.42 -7.62 -52.86
C ASP D 137 4.44 -7.52 -51.71
N LEU D 138 4.34 -6.32 -51.16
CA LEU D 138 3.48 -6.04 -50.02
C LEU D 138 2.12 -5.46 -50.38
N ARG D 139 1.09 -5.92 -49.69
CA ARG D 139 -0.30 -5.49 -49.82
C ARG D 139 -0.76 -5.27 -48.39
N TYR D 140 -1.94 -4.68 -48.24
CA TYR D 140 -2.50 -4.37 -46.91
C TYR D 140 -3.96 -4.72 -46.88
N VAL D 141 -4.46 -5.19 -45.74
CA VAL D 141 -5.88 -5.45 -45.57
C VAL D 141 -6.32 -4.44 -44.53
N ASN D 142 -7.23 -3.54 -44.94
CA ASN D 142 -7.71 -2.47 -44.04
C ASN D 142 -9.12 -2.75 -43.51
N SER D 143 -9.50 -2.08 -42.43
CA SER D 143 -10.81 -2.28 -41.83
C SER D 143 -11.87 -1.49 -42.57
N PRO D 144 -12.99 -2.15 -42.93
CA PRO D 144 -14.02 -1.42 -43.62
C PRO D 144 -14.92 -0.61 -42.66
N VAL D 145 -14.74 -0.79 -41.35
CA VAL D 145 -15.60 -0.18 -40.36
C VAL D 145 -14.84 0.27 -39.13
N SER D 146 -15.42 1.20 -38.38
CA SER D 146 -14.84 1.57 -37.09
C SER D 146 -15.48 0.70 -36.02
N GLY D 147 -14.70 0.38 -34.98
CA GLY D 147 -15.20 -0.45 -33.90
C GLY D 147 -14.13 -1.21 -33.15
N THR D 148 -14.43 -2.46 -32.83
CA THR D 148 -13.51 -3.26 -32.02
C THR D 148 -13.30 -4.62 -32.64
N VAL D 149 -12.05 -5.10 -32.61
CA VAL D 149 -11.79 -6.45 -33.07
C VAL D 149 -12.21 -7.31 -31.89
N ILE D 150 -13.20 -8.20 -32.11
CA ILE D 150 -13.66 -9.11 -31.04
C ILE D 150 -13.20 -10.56 -31.22
N PHE D 151 -12.51 -10.85 -32.33
CA PHE D 151 -11.95 -12.17 -32.61
C PHE D 151 -10.94 -12.07 -33.75
N MSE D 152 -9.78 -12.69 -33.55
CA MSE D 152 -8.73 -12.71 -34.55
C MSE D 152 -8.02 -14.03 -34.42
O MSE D 152 -7.57 -14.38 -33.34
CB MSE D 152 -7.73 -11.56 -34.33
CG MSE D 152 -6.72 -11.32 -35.50
SE MSE D 152 -5.22 -12.59 -35.72
CE MSE D 152 -4.16 -12.06 -34.14
N ASN D 153 -7.96 -14.80 -35.50
CA ASN D 153 -7.19 -16.04 -35.46
C ASN D 153 -6.81 -16.51 -36.86
N GLU D 154 -5.77 -17.34 -36.89
CA GLU D 154 -5.31 -17.99 -38.12
C GLU D 154 -6.22 -19.18 -38.45
N ILE D 155 -6.46 -19.40 -39.73
CA ILE D 155 -7.24 -20.54 -40.22
C ILE D 155 -6.27 -21.60 -40.80
N PRO D 156 -6.31 -22.85 -40.28
CA PRO D 156 -5.40 -23.87 -40.85
C PRO D 156 -5.46 -23.88 -42.39
N SER D 157 -4.29 -23.73 -43.01
CA SER D 157 -4.17 -23.64 -44.46
C SER D 157 -2.73 -23.90 -44.93
N GLU D 158 -2.56 -24.12 -46.24
CA GLU D 158 -1.23 -24.32 -46.86
C GLU D 158 -0.48 -23.00 -46.85
N ARG D 159 -1.18 -21.91 -47.21
CA ARG D 159 -0.66 -20.53 -47.19
C ARG D 159 -1.24 -19.83 -45.95
N ALA D 160 -0.84 -18.59 -45.70
CA ALA D 160 -1.32 -17.87 -44.53
C ALA D 160 -2.76 -17.36 -44.74
N ASN D 161 -3.65 -17.68 -43.80
CA ASN D 161 -5.05 -17.29 -43.88
C ASN D 161 -5.51 -16.88 -42.46
N TYR D 162 -5.93 -15.63 -42.33
CA TYR D 162 -6.41 -15.09 -41.06
C TYR D 162 -7.79 -14.50 -41.26
N VAL D 163 -8.50 -14.31 -40.16
CA VAL D 163 -9.83 -13.69 -40.19
C VAL D 163 -9.97 -12.74 -39.01
N PHE D 164 -10.51 -11.55 -39.27
CA PHE D 164 -10.78 -10.58 -38.24
C PHE D 164 -12.30 -10.43 -38.16
N TYR D 165 -12.85 -10.50 -36.95
CA TYR D 165 -14.27 -10.23 -36.73
C TYR D 165 -14.33 -8.96 -35.90
N MSE D 166 -15.08 -7.97 -36.40
CA MSE D 166 -15.23 -6.70 -35.73
C MSE D 166 -16.65 -6.53 -35.26
O MSE D 166 -17.58 -6.98 -35.92
CB MSE D 166 -14.96 -5.53 -36.68
CG MSE D 166 -14.09 -5.89 -37.86
SE MSE D 166 -12.22 -5.89 -37.44
CE MSE D 166 -12.48 -4.04 -37.92
N LEU D 167 -16.78 -5.84 -34.13
CA LEU D 167 -18.06 -5.37 -33.61
C LEU D 167 -18.06 -3.91 -34.04
N GLU D 168 -18.89 -3.59 -35.02
CA GLU D 168 -18.91 -2.24 -35.55
C GLU D 168 -19.52 -1.32 -34.53
N GLU D 169 -18.92 -0.16 -34.32
CA GLU D 169 -19.53 0.77 -33.36
C GLU D 169 -20.77 1.41 -33.96
N PHE E 17 9.93 3.98 17.25
CA PHE E 17 10.66 5.03 18.03
C PHE E 17 11.18 6.15 17.08
N GLN E 18 11.86 7.18 17.63
CA GLN E 18 12.40 8.30 16.81
C GLN E 18 13.24 7.87 15.60
N GLY E 19 13.21 8.74 14.59
CA GLY E 19 14.02 8.58 13.40
C GLY E 19 15.06 9.69 13.49
N MSE E 20 15.63 10.03 12.34
CA MSE E 20 16.62 11.11 12.26
C MSE E 20 16.01 12.51 12.49
O MSE E 20 14.79 12.68 12.42
CB MSE E 20 17.27 11.09 10.87
CG MSE E 20 16.29 11.37 9.72
SE MSE E 20 17.28 11.51 8.08
CE MSE E 20 15.95 12.38 6.92
N LYS E 21 16.86 13.51 12.72
CA LYS E 21 16.39 14.89 12.89
C LYS E 21 15.64 15.26 11.58
N ILE E 22 14.57 16.04 11.71
CA ILE E 22 13.71 16.43 10.58
C ILE E 22 14.43 17.29 9.50
N PRO E 23 14.30 16.89 8.21
CA PRO E 23 14.84 17.63 7.07
C PRO E 23 14.19 19.00 6.88
N LYS E 24 14.95 19.91 6.26
CA LYS E 24 14.48 21.23 5.86
C LYS E 24 14.20 21.18 4.34
N ILE E 25 12.96 21.48 3.94
CA ILE E 25 12.55 21.49 2.54
C ILE E 25 12.30 22.93 2.09
N TYR E 26 12.88 23.29 0.94
CA TYR E 26 12.76 24.62 0.33
C TYR E 26 12.17 24.44 -1.07
N VAL E 27 11.17 25.25 -1.40
CA VAL E 27 10.48 25.16 -2.69
C VAL E 27 10.43 26.54 -3.36
N GLU E 28 10.58 26.57 -4.69
CA GLU E 28 10.49 27.82 -5.46
C GLU E 28 9.08 28.35 -5.45
N GLY E 29 8.93 29.66 -5.55
CA GLY E 29 7.62 30.30 -5.65
C GLY E 29 6.85 30.49 -4.37
N GLU E 30 7.24 29.81 -3.30
CA GLU E 30 6.56 29.89 -2.01
C GLU E 30 6.98 31.14 -1.21
N LEU E 31 6.87 32.35 -1.81
CA LEU E 31 7.30 33.59 -1.13
C LEU E 31 6.66 33.69 0.26
N ASN E 32 7.45 33.35 1.30
CA ASN E 32 7.02 33.43 2.71
C ASN E 32 8.07 34.13 3.60
N ASP E 33 7.91 34.04 4.93
CA ASP E 33 8.83 34.66 5.90
C ASP E 33 9.92 33.69 6.39
N GLY E 34 10.01 32.51 5.77
CA GLY E 34 11.00 31.49 6.16
C GLY E 34 12.43 31.69 5.65
N ASP E 35 13.28 30.73 5.99
CA ASP E 35 14.66 30.73 5.53
C ASP E 35 14.67 30.51 4.03
N ARG E 36 15.63 31.13 3.35
CA ARG E 36 15.73 31.05 1.90
C ARG E 36 17.09 30.51 1.46
N VAL E 37 17.09 29.90 0.28
CA VAL E 37 18.31 29.44 -0.38
C VAL E 37 18.23 29.96 -1.82
N ALA E 38 19.33 30.48 -2.33
CA ALA E 38 19.37 30.99 -3.69
C ALA E 38 20.10 29.97 -4.55
N ILE E 39 19.55 29.66 -5.71
CA ILE E 39 20.20 28.74 -6.63
C ILE E 39 20.66 29.52 -7.85
N GLU E 40 21.98 29.62 -8.00
CA GLU E 40 22.66 30.32 -9.10
C GLU E 40 23.47 29.33 -9.94
N LYS E 41 24.08 29.86 -11.00
CA LYS E 41 24.91 29.09 -11.96
C LYS E 41 24.22 27.77 -12.32
N ASP E 42 22.94 27.90 -12.65
CA ASP E 42 22.05 26.80 -13.05
C ASP E 42 22.35 25.53 -12.31
N GLY E 43 22.17 25.55 -10.99
CA GLY E 43 22.41 24.39 -10.13
C GLY E 43 23.73 24.36 -9.37
N ASN E 44 24.80 24.92 -9.94
CA ASN E 44 26.16 24.85 -9.35
C ASN E 44 26.56 25.83 -8.24
N ALA E 45 25.67 26.73 -7.84
CA ALA E 45 25.94 27.65 -6.73
C ALA E 45 24.73 27.59 -5.84
N ILE E 46 24.94 27.30 -4.54
CA ILE E 46 23.84 27.19 -3.57
C ILE E 46 24.21 28.10 -2.40
N ILE E 47 23.40 29.16 -2.16
CA ILE E 47 23.69 30.15 -1.12
C ILE E 47 22.56 30.20 -0.08
N PHE E 48 22.81 29.65 1.11
CA PHE E 48 21.85 29.77 2.20
C PHE E 48 21.93 31.21 2.74
N LEU E 49 20.78 31.87 2.78
CA LEU E 49 20.65 33.24 3.24
C LEU E 49 19.90 33.28 4.57
N GLU E 50 20.24 34.27 5.40
CA GLU E 50 19.55 34.50 6.69
C GLU E 50 18.86 35.88 6.63
N LYS E 51 18.06 36.23 7.65
CA LYS E 51 17.40 37.55 7.75
C LYS E 51 16.74 38.04 6.45
N GLU E 54 18.68 39.64 2.69
CA GLU E 54 18.78 40.71 1.69
C GLU E 54 19.60 40.27 0.46
N TYR E 55 18.93 39.60 -0.48
CA TYR E 55 19.53 39.07 -1.72
C TYR E 55 19.07 39.77 -3.01
N SER E 56 20.01 40.18 -3.86
CA SER E 56 19.68 40.81 -5.14
C SER E 56 20.48 40.19 -6.27
N GLY E 57 20.90 38.94 -6.08
CA GLY E 57 21.68 38.20 -7.08
C GLY E 57 20.78 37.77 -8.24
N ASN E 58 21.40 37.05 -9.19
CA ASN E 58 20.71 36.60 -10.40
C ASN E 58 20.14 35.18 -10.34
N GLY E 59 20.05 34.62 -9.13
CA GLY E 59 19.55 33.27 -8.97
C GLY E 59 18.06 33.16 -8.77
N LYS E 60 17.65 32.00 -8.29
CA LYS E 60 16.26 31.70 -8.05
C LYS E 60 16.14 31.33 -6.59
N LEU E 61 15.24 31.99 -5.88
CA LEU E 61 15.04 31.77 -4.45
C LEU E 61 14.09 30.61 -4.19
N LEU E 62 14.47 29.78 -3.21
CA LEU E 62 13.65 28.68 -2.76
C LEU E 62 13.41 29.04 -1.32
N TYR E 63 12.14 28.97 -0.89
CA TYR E 63 11.72 29.39 0.44
C TYR E 63 11.39 28.18 1.29
N GLN E 64 11.73 28.23 2.57
CA GLN E 64 11.44 27.10 3.42
C GLN E 64 9.93 26.89 3.61
N VAL E 65 9.52 25.63 3.52
CA VAL E 65 8.13 25.27 3.70
C VAL E 65 8.03 24.36 4.92
N ILE E 66 6.81 24.26 5.46
CA ILE E 66 6.55 23.37 6.58
C ILE E 66 6.71 21.95 6.03
N TYR E 67 7.36 21.09 6.80
CA TYR E 67 7.67 19.74 6.36
C TYR E 67 6.41 18.91 6.08
N ASP E 68 6.39 18.32 4.89
CA ASP E 68 5.24 17.53 4.47
C ASP E 68 5.71 16.63 3.35
N ASP E 69 4.83 15.74 2.92
CA ASP E 69 5.13 14.81 1.83
C ASP E 69 5.67 15.56 0.61
N LEU E 70 6.70 14.99 0.00
CA LEU E 70 7.36 15.54 -1.19
C LEU E 70 6.42 15.45 -2.40
N ALA E 71 5.46 14.51 -2.35
CA ALA E 71 4.51 14.31 -3.44
C ALA E 71 3.59 15.53 -3.70
N LYS E 72 3.48 16.43 -2.73
CA LYS E 72 2.69 17.65 -2.90
C LYS E 72 3.41 18.66 -3.81
N TYR E 73 4.61 18.29 -4.29
CA TYR E 73 5.41 19.07 -5.26
C TYR E 73 5.81 18.23 -6.49
N MSE E 74 5.09 17.14 -6.76
CA MSE E 74 5.37 16.27 -7.90
C MSE E 74 4.11 15.97 -8.72
O MSE E 74 3.00 16.01 -8.20
CB MSE E 74 5.91 14.92 -7.42
CG MSE E 74 6.98 14.98 -6.32
SE MSE E 74 7.68 13.22 -5.81
CE MSE E 74 6.12 12.12 -6.17
N SER E 75 4.29 15.68 -10.01
CA SER E 75 3.21 15.22 -10.90
C SER E 75 3.67 13.81 -11.23
N LEU E 76 2.92 12.82 -10.73
CA LEU E 76 3.28 11.40 -10.84
C LEU E 76 4.68 11.16 -10.24
N ASP E 77 5.70 10.95 -11.06
CA ASP E 77 7.06 10.64 -10.57
C ASP E 77 8.05 11.80 -10.71
N THR E 78 7.58 12.92 -11.24
CA THR E 78 8.42 14.06 -11.60
C THR E 78 8.15 15.32 -10.78
N LEU E 79 9.20 15.99 -10.31
CA LEU E 79 9.02 17.26 -9.60
C LEU E 79 8.38 18.35 -10.49
N LYS E 80 7.43 19.09 -9.94
CA LYS E 80 6.75 20.19 -10.64
C LYS E 80 7.41 21.53 -10.38
N LYS E 81 8.15 21.62 -9.28
CA LYS E 81 8.85 22.82 -8.84
C LYS E 81 10.27 22.47 -8.38
N ASP E 82 11.14 23.48 -8.44
CA ASP E 82 12.50 23.37 -7.95
C ASP E 82 12.43 23.20 -6.45
N VAL E 83 13.08 22.15 -5.94
CA VAL E 83 13.13 21.86 -4.51
C VAL E 83 14.56 21.56 -4.03
N LEU E 84 14.86 21.98 -2.81
CA LEU E 84 16.10 21.65 -2.14
C LEU E 84 15.78 21.01 -0.79
N ILE E 85 16.41 19.88 -0.46
CA ILE E 85 16.23 19.26 0.83
C ILE E 85 17.56 19.21 1.56
N GLN E 86 17.60 19.76 2.79
CA GLN E 86 18.79 19.74 3.66
C GLN E 86 18.52 18.76 4.81
N TYR E 87 19.39 17.78 4.97
CA TYR E 87 19.28 16.77 6.03
C TYR E 87 20.32 17.18 7.09
N PRO E 88 19.87 17.82 8.18
CA PRO E 88 20.92 18.40 9.06
C PRO E 88 21.73 17.34 9.82
N ASP E 89 21.06 16.29 10.30
CA ASP E 89 21.75 15.18 10.94
C ASP E 89 22.92 14.78 10.01
N LYS E 90 22.59 14.54 8.74
CA LYS E 90 23.51 14.00 7.69
C LYS E 90 24.52 14.93 6.98
N HIS E 91 24.55 16.23 7.30
CA HIS E 91 25.48 17.17 6.62
C HIS E 91 25.40 17.13 5.08
N THR E 92 24.21 16.80 4.61
CA THR E 92 23.92 16.51 3.22
C THR E 92 22.73 17.32 2.71
N LEU E 93 22.81 17.72 1.44
CA LEU E 93 21.69 18.39 0.79
C LEU E 93 21.50 17.80 -0.60
N THR E 94 20.30 17.97 -1.13
CA THR E 94 20.01 17.56 -2.49
C THR E 94 19.19 18.66 -3.16
N TYR E 95 19.54 19.00 -4.40
CA TYR E 95 18.83 20.00 -5.18
C TYR E 95 18.16 19.31 -6.34
N LEU E 96 16.84 19.46 -6.39
CA LEU E 96 15.99 18.81 -7.37
C LEU E 96 15.29 19.81 -8.23
N LYS E 97 15.87 20.09 -9.39
CA LYS E 97 15.27 21.05 -10.34
C LYS E 97 13.92 20.54 -10.80
N ALA E 98 13.04 21.45 -11.21
CA ALA E 98 11.75 21.03 -11.73
C ALA E 98 12.08 20.09 -12.89
N GLY E 99 11.27 19.06 -13.06
CA GLY E 99 11.49 18.08 -14.12
C GLY E 99 12.26 16.86 -13.69
N THR E 100 12.90 16.88 -12.51
CA THR E 100 13.65 15.72 -11.98
C THR E 100 12.72 14.54 -11.69
N LYS E 101 13.07 13.37 -12.21
CA LYS E 101 12.30 12.14 -12.02
C LYS E 101 12.87 11.32 -10.86
N LEU E 102 11.97 10.82 -10.04
CA LEU E 102 12.29 10.01 -8.89
C LEU E 102 11.67 8.66 -9.09
N ILE E 103 12.23 7.64 -8.43
CA ILE E 103 11.60 6.34 -8.46
C ILE E 103 11.01 6.08 -7.08
N SER E 104 9.89 5.39 -7.08
CA SER E 104 9.18 5.04 -5.90
C SER E 104 9.43 3.58 -5.53
N VAL E 105 9.71 3.36 -4.26
CA VAL E 105 9.92 2.02 -3.75
C VAL E 105 8.93 1.85 -2.59
N PRO E 106 7.74 1.28 -2.89
CA PRO E 106 6.78 1.06 -1.85
C PRO E 106 7.14 -0.06 -0.90
N ALA E 107 6.77 0.11 0.35
CA ALA E 107 6.98 -0.87 1.40
C ALA E 107 5.58 -1.18 1.95
N GLU E 108 4.98 -2.26 1.47
CA GLU E 108 3.60 -2.60 1.79
C GLU E 108 3.45 -4.03 2.28
N GLY E 109 2.67 -4.23 3.31
CA GLY E 109 2.49 -5.57 3.81
C GLY E 109 1.60 -5.60 5.00
N TYR E 110 1.36 -6.79 5.53
CA TYR E 110 0.51 -6.95 6.68
C TYR E 110 1.06 -6.07 7.80
N LYS E 111 2.38 -6.13 7.99
CA LYS E 111 3.11 -5.23 8.88
C LYS E 111 4.37 -4.83 8.16
N VAL E 112 4.69 -3.55 8.31
CA VAL E 112 5.88 -2.98 7.67
C VAL E 112 6.76 -2.31 8.69
N TYR E 113 8.05 -2.66 8.66
CA TYR E 113 9.07 -2.11 9.54
C TYR E 113 10.13 -1.41 8.68
N PRO E 114 9.93 -0.12 8.43
CA PRO E 114 10.85 0.58 7.56
C PRO E 114 12.09 1.09 8.32
N ILE E 115 13.14 1.42 7.57
CA ILE E 115 14.27 2.13 8.22
C ILE E 115 13.74 3.52 8.59
N MSE E 116 14.32 4.18 9.57
CA MSE E 116 13.86 5.47 10.01
CA MSE E 116 13.82 5.51 9.92
C MSE E 116 14.83 6.62 9.71
O MSE E 116 15.09 7.45 10.56
CB MSE E 116 13.54 5.36 11.50
CB MSE E 116 13.11 5.52 11.30
CG MSE E 116 12.55 4.22 11.80
CG MSE E 116 11.62 5.06 11.23
SE MSE E 116 12.22 4.11 13.68
SE MSE E 116 10.26 6.45 10.69
CE MSE E 116 14.03 3.72 14.29
CE MSE E 116 11.09 7.27 9.15
N ASP E 117 15.42 6.61 8.53
CA ASP E 117 16.29 7.68 8.06
C ASP E 117 16.43 7.62 6.57
N PHE E 118 16.87 8.73 6.00
CA PHE E 118 17.07 8.85 4.58
C PHE E 118 17.99 10.08 4.31
N GLY E 119 18.26 10.41 3.05
CA GLY E 119 19.18 11.50 2.76
C GLY E 119 20.62 11.02 2.68
N PHE E 120 20.80 9.92 1.92
CA PHE E 120 22.09 9.31 1.75
C PHE E 120 22.10 8.43 0.53
N ARG E 121 23.29 8.21 -0.01
CA ARG E 121 23.46 7.29 -1.16
C ARG E 121 23.53 5.87 -0.63
N VAL E 122 22.89 4.96 -1.37
CA VAL E 122 22.96 3.52 -1.13
C VAL E 122 23.35 2.79 -2.42
N LEU E 123 23.98 1.63 -2.28
CA LEU E 123 24.23 0.78 -3.43
C LEU E 123 23.00 -0.12 -3.53
N LYS E 124 22.84 -0.74 -4.68
CA LYS E 124 21.71 -1.63 -4.91
C LYS E 124 21.69 -2.73 -3.85
N GLY E 125 20.51 -3.05 -3.34
CA GLY E 125 20.38 -4.09 -2.33
C GLY E 125 20.31 -3.65 -0.89
N TYR E 126 20.51 -2.38 -0.63
CA TYR E 126 20.41 -1.86 0.73
C TYR E 126 18.97 -2.00 1.20
N ARG E 127 18.80 -2.56 2.40
CA ARG E 127 17.50 -2.77 2.98
C ARG E 127 16.78 -1.49 3.47
N LEU E 128 15.62 -1.25 2.89
CA LEU E 128 14.78 -0.08 3.22
C LEU E 128 13.63 -0.45 4.17
N ALA E 129 13.18 -1.68 4.09
CA ALA E 129 12.10 -2.17 4.96
C ALA E 129 12.09 -3.68 5.09
N THR E 130 11.55 -4.13 6.23
CA THR E 130 11.20 -5.51 6.44
C THR E 130 9.66 -5.58 6.37
N LEU E 131 9.13 -6.50 5.54
CA LEU E 131 7.69 -6.73 5.45
C LEU E 131 7.42 -8.01 6.23
N GLU E 132 6.33 -8.07 6.98
CA GLU E 132 6.02 -9.26 7.77
C GLU E 132 4.60 -9.69 7.46
N SER E 133 4.41 -10.97 7.14
CA SER E 133 3.10 -11.50 6.85
C SER E 133 2.25 -11.70 8.13
N LYS E 134 0.95 -11.99 7.95
CA LYS E 134 0.09 -12.29 9.07
C LYS E 134 0.51 -13.55 9.87
N LYS E 135 1.35 -14.40 9.29
CA LYS E 135 1.88 -15.61 9.94
C LYS E 135 3.23 -15.30 10.55
N GLY E 136 3.80 -14.12 10.28
CA GLY E 136 5.10 -13.74 10.81
C GLY E 136 6.32 -14.08 9.96
N ASP E 137 6.11 -14.39 8.68
CA ASP E 137 7.21 -14.64 7.76
C ASP E 137 7.72 -13.29 7.20
N LEU E 138 9.01 -13.21 6.93
CA LEU E 138 9.61 -11.97 6.51
C LEU E 138 10.02 -11.91 5.04
N ARG E 139 10.00 -10.69 4.50
CA ARG E 139 10.37 -10.34 3.13
C ARG E 139 11.05 -8.98 3.28
N TYR E 140 11.91 -8.62 2.37
CA TYR E 140 12.67 -7.40 2.49
C TYR E 140 12.49 -6.55 1.26
N VAL E 141 12.36 -5.25 1.48
CA VAL E 141 12.28 -4.27 0.42
C VAL E 141 13.66 -3.62 0.40
N ASN E 142 14.37 -3.92 -0.68
CA ASN E 142 15.71 -3.45 -0.89
C ASN E 142 15.76 -2.38 -1.98
N SER E 143 16.81 -1.59 -1.96
CA SER E 143 17.05 -0.60 -3.00
C SER E 143 17.20 -1.36 -4.34
N PRO E 144 16.36 -1.03 -5.34
CA PRO E 144 16.42 -1.69 -6.65
C PRO E 144 17.59 -1.22 -7.52
N VAL E 145 18.08 -0.02 -7.24
CA VAL E 145 19.21 0.56 -7.94
C VAL E 145 20.15 1.22 -6.94
N SER E 146 21.35 1.56 -7.43
CA SER E 146 22.27 2.38 -6.66
C SER E 146 21.78 3.80 -6.96
N GLY E 147 21.78 4.64 -5.93
CA GLY E 147 21.24 5.96 -6.06
C GLY E 147 21.09 6.59 -4.71
N THR E 148 20.30 7.63 -4.62
CA THR E 148 20.15 8.38 -3.37
C THR E 148 18.75 8.26 -2.85
N VAL E 149 18.63 7.85 -1.60
CA VAL E 149 17.35 7.79 -0.91
C VAL E 149 17.16 9.24 -0.38
N ILE E 150 16.23 9.96 -1.00
CA ILE E 150 16.00 11.37 -0.69
C ILE E 150 14.78 11.66 0.17
N PHE E 151 13.86 10.71 0.25
CA PHE E 151 12.68 10.95 1.02
C PHE E 151 11.91 9.66 1.33
N MSE E 152 11.13 9.68 2.39
CA MSE E 152 10.24 8.58 2.73
CA MSE E 152 10.23 8.60 2.72
C MSE E 152 9.08 9.13 3.54
O MSE E 152 9.26 10.04 4.33
CB MSE E 152 10.96 7.45 3.50
CB MSE E 152 10.97 7.44 3.40
CG MSE E 152 10.95 7.56 5.03
CG MSE E 152 10.11 6.27 3.93
SE MSE E 152 9.22 7.10 5.81
SE MSE E 152 9.91 6.16 5.86
CE MSE E 152 9.47 8.04 7.50
CE MSE E 152 11.81 6.47 6.32
N ASN E 153 7.90 8.60 3.32
CA ASN E 153 6.75 8.97 4.12
C ASN E 153 5.74 7.83 4.18
N GLU E 154 4.83 7.90 5.15
CA GLU E 154 3.74 6.96 5.24
C GLU E 154 2.89 7.15 3.96
N ILE E 155 2.40 6.05 3.38
CA ILE E 155 1.51 6.11 2.21
C ILE E 155 0.18 6.64 2.73
N PRO E 156 -0.28 7.78 2.19
CA PRO E 156 -1.47 8.46 2.70
C PRO E 156 -2.74 7.73 3.08
N SER E 157 -3.21 6.72 2.33
CA SER E 157 -4.45 6.04 2.75
CA SER E 157 -4.46 6.03 2.74
C SER E 157 -4.17 4.68 3.39
N GLU E 158 -2.89 4.35 3.50
CA GLU E 158 -2.47 3.09 4.05
C GLU E 158 -1.60 3.25 5.28
N ARG E 159 -2.23 3.27 6.44
CA ARG E 159 -1.53 3.43 7.70
C ARG E 159 -0.45 2.39 7.91
N ALA E 160 0.70 2.84 8.38
CA ALA E 160 1.80 1.99 8.69
C ALA E 160 2.33 1.25 7.44
N ASN E 161 2.12 1.89 6.28
CA ASN E 161 2.73 1.45 5.01
C ASN E 161 3.48 2.67 4.53
N TYR E 162 4.61 2.43 3.87
CA TYR E 162 5.55 3.49 3.52
C TYR E 162 6.03 3.49 2.08
N VAL E 163 6.49 4.65 1.62
CA VAL E 163 7.06 4.79 0.27
C VAL E 163 8.36 5.56 0.35
N PHE E 164 9.44 4.98 -0.23
CA PHE E 164 10.75 5.62 -0.33
C PHE E 164 10.87 6.20 -1.74
N TYR E 165 11.44 7.40 -1.83
CA TYR E 165 11.71 8.05 -3.10
C TYR E 165 13.23 8.10 -3.31
N MSE E 166 13.68 7.61 -4.47
CA MSE E 166 15.08 7.62 -4.83
C MSE E 166 15.41 8.40 -6.09
O MSE E 166 14.59 8.63 -6.94
CB MSE E 166 15.60 6.18 -5.01
CG MSE E 166 15.48 5.33 -3.75
SE MSE E 166 16.40 3.65 -3.91
CE MSE E 166 18.23 4.24 -4.32
N LEU E 167 16.69 8.80 -6.15
CA LEU E 167 17.31 9.36 -7.33
C LEU E 167 18.19 8.24 -7.92
N GLU E 168 17.89 7.86 -9.15
CA GLU E 168 18.65 6.84 -9.85
C GLU E 168 19.89 7.55 -10.37
N GLU E 169 21.07 6.96 -10.23
CA GLU E 169 22.29 7.61 -10.67
C GLU E 169 22.77 6.96 -11.94
N HIS F 12 50.22 6.98 -10.99
CA HIS F 12 49.37 5.85 -10.46
C HIS F 12 49.20 4.77 -11.50
N GLU F 13 49.47 3.53 -11.09
CA GLU F 13 49.44 2.40 -12.00
C GLU F 13 48.22 1.49 -11.78
N ASN F 14 47.82 1.31 -10.54
CA ASN F 14 46.64 0.51 -10.22
C ASN F 14 45.43 1.42 -10.21
N LEU F 15 44.74 1.49 -11.35
CA LEU F 15 43.57 2.33 -11.51
C LEU F 15 42.33 1.54 -11.13
N TYR F 16 42.20 1.31 -9.83
CA TYR F 16 41.15 0.45 -9.28
C TYR F 16 39.69 0.95 -9.32
N PHE F 17 39.49 2.21 -9.67
CA PHE F 17 38.13 2.76 -9.84
C PHE F 17 37.74 2.85 -11.30
N GLN F 18 38.60 2.43 -12.22
CA GLN F 18 38.35 2.63 -13.67
C GLN F 18 37.08 1.92 -14.17
N GLY F 19 36.26 2.66 -14.93
CA GLY F 19 34.98 2.12 -15.43
C GLY F 19 33.95 1.83 -14.32
N MSE F 20 34.05 2.59 -13.24
CA MSE F 20 33.12 2.50 -12.12
C MSE F 20 32.48 3.86 -12.02
O MSE F 20 33.15 4.86 -12.19
CB MSE F 20 33.86 2.25 -10.79
CG MSE F 20 34.84 1.05 -10.69
SE MSE F 20 34.00 -0.69 -10.62
CE MSE F 20 32.42 -0.26 -9.41
N LYS F 21 31.17 3.89 -11.74
CA LYS F 21 30.48 5.16 -11.45
C LYS F 21 30.65 5.39 -9.95
N ILE F 22 31.52 6.32 -9.59
CA ILE F 22 31.80 6.66 -8.21
C ILE F 22 31.53 8.15 -7.99
N PRO F 23 31.36 8.55 -6.72
CA PRO F 23 31.21 9.97 -6.46
C PRO F 23 32.52 10.70 -6.67
N LYS F 24 32.44 12.04 -6.64
CA LYS F 24 33.62 12.85 -6.73
C LYS F 24 33.87 13.35 -5.33
N ILE F 25 35.13 13.36 -4.91
CA ILE F 25 35.48 13.84 -3.57
C ILE F 25 36.48 15.00 -3.72
N TYR F 26 36.28 16.06 -2.95
CA TYR F 26 37.12 17.25 -3.02
C TYR F 26 37.68 17.47 -1.62
N VAL F 27 38.99 17.72 -1.53
CA VAL F 27 39.71 17.92 -0.27
C VAL F 27 40.26 19.36 -0.23
N GLU F 28 40.15 20.00 0.93
CA GLU F 28 40.59 21.38 1.12
C GLU F 28 42.08 21.56 0.93
N GLY F 29 42.45 22.61 0.20
CA GLY F 29 43.85 23.02 -0.01
C GLY F 29 44.80 22.07 -0.72
N GLU F 30 44.25 21.02 -1.37
CA GLU F 30 45.05 20.05 -2.10
C GLU F 30 45.24 20.57 -3.53
N LEU F 31 46.07 21.59 -3.68
CA LEU F 31 46.25 22.27 -4.97
C LEU F 31 46.65 21.31 -6.10
N ASN F 32 45.82 21.28 -7.13
CA ASN F 32 46.04 20.43 -8.29
C ASN F 32 45.26 20.99 -9.48
N ASP F 33 45.27 20.27 -10.60
CA ASP F 33 44.52 20.70 -11.79
C ASP F 33 43.14 20.01 -11.86
N GLY F 34 42.61 19.52 -10.75
CA GLY F 34 41.29 18.87 -10.72
C GLY F 34 40.16 19.89 -10.61
N ASP F 35 38.91 19.43 -10.58
CA ASP F 35 37.77 20.34 -10.44
C ASP F 35 37.81 20.83 -9.01
N ARG F 36 37.19 21.98 -8.81
CA ARG F 36 37.20 22.65 -7.53
C ARG F 36 35.80 23.05 -7.09
N VAL F 37 35.68 23.18 -5.79
CA VAL F 37 34.48 23.67 -5.20
C VAL F 37 34.94 24.71 -4.17
N ALA F 38 34.25 25.84 -4.19
CA ALA F 38 34.50 26.94 -3.26
C ALA F 38 33.50 26.82 -2.11
N ILE F 39 34.00 26.75 -0.89
CA ILE F 39 33.14 26.76 0.30
C ILE F 39 33.19 28.22 0.81
N GLU F 40 32.03 28.88 0.74
CA GLU F 40 31.91 30.30 1.11
C GLU F 40 31.10 30.49 2.39
N LYS F 41 31.03 31.74 2.85
CA LYS F 41 30.24 32.15 4.03
C LYS F 41 30.37 31.21 5.24
N ASP F 42 31.61 30.94 5.64
CA ASP F 42 31.86 30.08 6.78
C ASP F 42 31.00 28.82 6.72
N GLY F 43 30.87 28.23 5.52
CA GLY F 43 30.14 26.98 5.30
C GLY F 43 28.74 27.07 4.67
N ASN F 44 28.23 28.29 4.54
CA ASN F 44 26.85 28.56 4.07
C ASN F 44 26.60 28.71 2.57
N ALA F 45 27.64 28.68 1.75
CA ALA F 45 27.47 28.73 0.29
C ALA F 45 28.44 27.73 -0.29
N ILE F 46 28.01 27.04 -1.34
CA ILE F 46 28.82 26.04 -2.02
C ILE F 46 28.79 26.41 -3.49
N ILE F 47 29.94 26.52 -4.11
CA ILE F 47 29.99 26.90 -5.51
C ILE F 47 30.91 25.96 -6.22
N PHE F 48 30.38 25.21 -7.18
CA PHE F 48 31.22 24.35 -7.99
C PHE F 48 31.77 25.20 -9.10
N LEU F 49 33.10 25.28 -9.15
CA LEU F 49 33.77 26.12 -10.12
C LEU F 49 33.95 25.43 -11.47
N GLU F 50 33.75 26.23 -12.52
CA GLU F 50 33.89 25.77 -13.89
C GLU F 50 35.37 25.43 -14.10
N LYS F 51 35.65 24.42 -14.93
CA LYS F 51 37.05 24.09 -15.28
C LYS F 51 37.66 25.36 -15.88
N ASP F 52 38.84 25.76 -15.40
CA ASP F 52 39.50 26.97 -15.92
C ASP F 52 38.89 28.33 -15.53
N GLU F 53 37.84 28.37 -14.71
CA GLU F 53 37.28 29.67 -14.25
C GLU F 53 38.24 30.24 -13.19
N GLU F 54 38.56 31.53 -13.26
CA GLU F 54 39.48 32.16 -12.30
C GLU F 54 38.71 32.58 -11.05
N TYR F 55 39.01 31.95 -9.92
CA TYR F 55 38.34 32.25 -8.65
C TYR F 55 38.97 33.45 -7.97
N SER F 56 38.18 34.49 -7.74
CA SER F 56 38.69 35.71 -7.13
C SER F 56 38.19 35.92 -5.69
N GLY F 57 37.29 35.03 -5.25
CA GLY F 57 36.66 35.08 -3.94
C GLY F 57 37.59 34.80 -2.78
N ASN F 58 37.00 34.71 -1.58
CA ASN F 58 37.78 34.53 -0.35
C ASN F 58 37.36 33.33 0.50
N GLY F 59 36.81 32.30 -0.12
CA GLY F 59 36.39 31.11 0.60
C GLY F 59 37.48 30.07 0.57
N LYS F 60 37.12 28.85 0.99
CA LYS F 60 38.03 27.71 0.95
C LYS F 60 37.83 27.01 -0.36
N LEU F 61 38.93 26.70 -1.06
CA LEU F 61 38.85 25.90 -2.26
C LEU F 61 39.21 24.43 -1.91
N LEU F 62 38.33 23.51 -2.28
CA LEU F 62 38.54 22.08 -2.12
C LEU F 62 38.79 21.56 -3.53
N TYR F 63 39.77 20.67 -3.69
CA TYR F 63 40.18 20.16 -5.00
C TYR F 63 39.92 18.68 -5.12
N GLN F 64 39.52 18.26 -6.31
CA GLN F 64 39.15 16.88 -6.56
C GLN F 64 40.34 15.95 -6.48
N VAL F 65 40.21 14.91 -5.64
CA VAL F 65 41.21 13.86 -5.53
C VAL F 65 40.54 12.52 -5.86
N ILE F 66 41.27 11.60 -6.48
CA ILE F 66 40.77 10.24 -6.77
C ILE F 66 41.70 9.17 -6.15
N TYR F 67 42.94 9.08 -6.62
CA TYR F 67 43.87 8.08 -6.12
C TYR F 67 44.79 8.80 -5.16
N ASP F 68 44.42 8.81 -3.88
CA ASP F 68 45.14 9.57 -2.88
C ASP F 68 44.97 8.89 -1.53
N ASP F 69 45.82 9.23 -0.58
CA ASP F 69 45.79 8.67 0.77
C ASP F 69 45.08 9.65 1.74
N LEU F 70 43.87 9.32 2.16
CA LEU F 70 43.07 10.20 3.03
C LEU F 70 43.71 10.46 4.39
N ALA F 71 44.56 9.54 4.83
CA ALA F 71 45.33 9.69 6.09
C ALA F 71 46.23 10.94 6.08
N LYS F 72 46.52 11.48 4.89
CA LYS F 72 47.34 12.68 4.77
C LYS F 72 46.61 13.89 5.30
N TYR F 73 45.28 13.82 5.24
CA TYR F 73 44.39 14.88 5.66
C TYR F 73 43.77 14.61 7.02
N MSE F 74 44.39 13.74 7.81
CA MSE F 74 43.85 13.35 9.12
C MSE F 74 44.92 13.34 10.18
O MSE F 74 46.06 12.98 9.91
CB MSE F 74 43.24 11.95 9.04
CG MSE F 74 42.01 11.87 8.11
SE MSE F 74 41.56 10.07 7.72
CE MSE F 74 41.06 9.52 9.52
N SER F 75 44.54 13.78 11.38
CA SER F 75 45.40 13.73 12.55
C SER F 75 44.71 12.72 13.48
N LEU F 76 45.30 11.53 13.55
CA LEU F 76 44.73 10.38 14.26
C LEU F 76 43.49 9.99 13.45
N ASP F 77 42.30 10.26 13.97
CA ASP F 77 41.07 9.88 13.29
C ASP F 77 40.15 11.05 13.11
N THR F 78 40.70 12.24 13.17
CA THR F 78 39.89 13.42 12.95
C THR F 78 40.45 14.12 11.69
N LEU F 79 39.55 14.54 10.82
CA LEU F 79 39.90 15.19 9.56
C LEU F 79 40.51 16.58 9.82
N LYS F 80 41.67 16.88 9.24
CA LYS F 80 42.33 18.21 9.37
C LYS F 80 41.87 19.17 8.32
N LYS F 81 41.38 18.63 7.20
CA LYS F 81 40.95 19.41 6.06
C LYS F 81 39.49 19.15 5.74
N ASP F 82 38.78 20.17 5.28
CA ASP F 82 37.39 20.01 4.84
C ASP F 82 37.27 19.14 3.59
N VAL F 83 36.27 18.27 3.61
CA VAL F 83 36.02 17.37 2.51
C VAL F 83 34.57 17.50 2.03
N LEU F 84 34.39 17.42 0.71
CA LEU F 84 33.10 17.46 0.08
C LEU F 84 32.93 16.28 -0.89
N ILE F 85 31.77 15.62 -0.83
CA ILE F 85 31.45 14.49 -1.70
C ILE F 85 30.29 14.92 -2.58
N GLN F 86 30.44 14.72 -3.88
CA GLN F 86 29.45 15.05 -4.89
C GLN F 86 29.04 13.76 -5.51
N TYR F 87 27.81 13.36 -5.25
CA TYR F 87 27.33 12.05 -5.66
C TYR F 87 27.03 11.95 -7.13
N PRO F 88 27.08 10.72 -7.69
CA PRO F 88 26.85 10.46 -9.12
C PRO F 88 25.47 10.80 -9.65
N ASP F 89 24.51 11.02 -8.74
CA ASP F 89 23.17 11.44 -9.11
C ASP F 89 23.17 12.84 -9.71
N LYS F 90 24.16 13.65 -9.37
CA LYS F 90 24.24 15.06 -9.83
C LYS F 90 23.15 15.94 -9.21
N HIS F 91 22.79 15.63 -7.98
CA HIS F 91 21.84 16.42 -7.22
C HIS F 91 22.28 16.56 -5.76
N THR F 92 22.99 15.55 -5.25
CA THR F 92 23.31 15.47 -3.83
C THR F 92 24.76 15.70 -3.47
N LEU F 93 24.97 16.30 -2.29
CA LEU F 93 26.31 16.48 -1.78
C LEU F 93 26.35 16.34 -0.24
N THR F 94 27.55 15.99 0.24
CA THR F 94 27.83 15.86 1.67
C THR F 94 29.08 16.69 1.93
N TYR F 95 29.04 17.52 2.96
CA TYR F 95 30.17 18.39 3.32
C TYR F 95 30.62 18.10 4.75
N LEU F 96 31.83 17.60 4.89
CA LEU F 96 32.38 17.29 6.19
C LEU F 96 33.46 18.32 6.58
N LYS F 97 33.16 19.10 7.62
CA LYS F 97 34.10 20.08 8.15
C LYS F 97 35.30 19.36 8.84
N ALA F 98 36.45 20.03 8.85
CA ALA F 98 37.61 19.57 9.60
C ALA F 98 37.16 19.40 11.06
N GLY F 99 37.68 18.36 11.70
CA GLY F 99 37.28 18.03 13.07
C GLY F 99 36.32 16.85 13.09
N THR F 100 35.82 16.48 11.90
CA THR F 100 34.96 15.30 11.72
C THR F 100 35.73 14.03 12.04
N LYS F 101 35.21 13.20 12.94
CA LYS F 101 35.86 11.95 13.32
C LYS F 101 35.49 10.82 12.32
N LEU F 102 36.52 10.14 11.81
CA LEU F 102 36.36 9.04 10.84
C LEU F 102 37.02 7.80 11.36
N ILE F 103 36.42 6.66 11.05
CA ILE F 103 36.93 5.34 11.43
C ILE F 103 37.63 4.72 10.21
N SER F 104 38.84 4.21 10.39
CA SER F 104 39.52 3.58 9.26
C SER F 104 39.38 2.05 9.39
N VAL F 105 38.98 1.40 8.29
CA VAL F 105 38.79 -0.06 8.24
C VAL F 105 39.72 -0.64 7.17
N PRO F 106 40.90 -1.16 7.57
CA PRO F 106 41.84 -1.76 6.62
C PRO F 106 41.46 -3.16 6.13
N ALA F 107 41.81 -3.41 4.86
CA ALA F 107 41.54 -4.67 4.17
C ALA F 107 42.91 -5.16 3.63
N GLU F 108 43.55 -6.01 4.43
CA GLU F 108 44.88 -6.51 4.19
C GLU F 108 44.94 -8.01 4.17
N GLY F 109 45.62 -8.56 3.17
CA GLY F 109 45.73 -10.01 2.97
C GLY F 109 46.53 -10.38 1.72
N TYR F 110 46.71 -11.65 1.47
CA TYR F 110 47.47 -12.13 0.29
C TYR F 110 46.86 -11.60 -0.99
N LYS F 111 45.55 -11.67 -1.05
CA LYS F 111 44.82 -11.12 -2.17
C LYS F 111 43.57 -10.47 -1.54
N VAL F 112 43.23 -9.27 -1.97
CA VAL F 112 42.16 -8.51 -1.38
C VAL F 112 41.13 -8.10 -2.44
N TYR F 113 39.85 -8.33 -2.15
CA TYR F 113 38.74 -7.99 -3.05
C TYR F 113 37.81 -6.98 -2.38
N PRO F 114 38.12 -5.69 -2.57
CA PRO F 114 37.32 -4.64 -1.97
C PRO F 114 36.16 -4.14 -2.80
N ILE F 115 35.16 -3.53 -2.16
CA ILE F 115 34.13 -2.79 -2.91
C ILE F 115 34.87 -1.57 -3.51
N MSE F 116 34.85 -1.45 -4.82
CA MSE F 116 35.51 -0.31 -5.45
CA MSE F 116 35.48 -0.34 -5.50
C MSE F 116 34.52 0.86 -5.61
O MSE F 116 34.05 1.22 -6.70
CB MSE F 116 36.36 -0.72 -6.69
CB MSE F 116 36.00 -0.76 -6.88
CG MSE F 116 35.87 -1.92 -7.47
CG MSE F 116 37.11 -1.79 -6.85
SE MSE F 116 37.24 -3.00 -8.42
SE MSE F 116 38.67 -1.27 -5.81
CE MSE F 116 36.06 -4.55 -8.64
CE MSE F 116 39.73 -2.84 -6.19
N ASP F 117 34.20 1.48 -4.49
CA ASP F 117 33.27 2.59 -4.43
C ASP F 117 33.44 3.20 -3.08
N PHE F 118 32.83 4.36 -2.89
CA PHE F 118 32.81 5.05 -1.61
C PHE F 118 31.60 5.95 -1.70
N GLY F 119 31.29 6.62 -0.60
CA GLY F 119 30.14 7.51 -0.58
C GLY F 119 28.82 6.79 -0.60
N PHE F 120 28.65 5.83 0.30
CA PHE F 120 27.41 5.08 0.40
C PHE F 120 27.18 4.61 1.82
N ARG F 121 25.91 4.38 2.12
CA ARG F 121 25.50 3.96 3.46
C ARG F 121 25.65 2.48 3.66
N VAL F 122 26.03 2.09 4.87
CA VAL F 122 26.13 0.69 5.25
C VAL F 122 25.65 0.45 6.68
N LEU F 123 25.22 -0.78 6.93
CA LEU F 123 24.89 -1.25 8.27
C LEU F 123 26.12 -1.91 8.91
N LYS F 124 26.15 -1.98 10.24
CA LYS F 124 27.23 -2.67 10.95
C LYS F 124 27.24 -4.08 10.40
N GLY F 125 28.41 -4.61 10.09
CA GLY F 125 28.51 -5.99 9.56
C GLY F 125 28.52 -6.12 8.05
N TYR F 126 28.24 -5.04 7.32
CA TYR F 126 28.26 -5.09 5.86
C TYR F 126 29.65 -5.42 5.39
N ARG F 127 29.74 -6.23 4.36
CA ARG F 127 31.02 -6.65 3.86
C ARG F 127 31.68 -5.68 2.90
N LEU F 128 32.78 -5.10 3.35
CA LEU F 128 33.54 -4.12 2.61
C LEU F 128 34.61 -4.79 1.73
N ALA F 129 35.15 -5.91 2.18
CA ALA F 129 36.16 -6.62 1.43
C ALA F 129 36.18 -8.13 1.73
N THR F 130 36.75 -8.90 0.81
CA THR F 130 37.01 -10.30 1.02
C THR F 130 38.52 -10.40 0.89
N LEU F 131 39.11 -11.18 1.78
CA LEU F 131 40.54 -11.40 1.87
C LEU F 131 40.76 -12.85 1.54
N GLU F 132 41.65 -13.11 0.60
CA GLU F 132 41.90 -14.47 0.17
C GLU F 132 43.33 -14.83 0.50
N SER F 133 43.50 -16.01 1.13
CA SER F 133 44.80 -16.49 1.51
C SER F 133 45.49 -17.16 0.33
N LYS F 134 46.81 -17.39 0.44
CA LYS F 134 47.55 -18.14 -0.59
C LYS F 134 46.96 -19.48 -0.99
N LYS F 135 46.13 -20.09 -0.14
CA LYS F 135 45.48 -21.36 -0.39
C LYS F 135 44.06 -21.24 -0.89
N GLY F 136 43.54 -20.02 -1.06
CA GLY F 136 42.17 -19.81 -1.58
C GLY F 136 41.09 -19.75 -0.51
N ASP F 137 41.48 -19.64 0.75
CA ASP F 137 40.52 -19.57 1.84
C ASP F 137 40.13 -18.12 2.11
N LEU F 138 38.88 -17.91 2.55
CA LEU F 138 38.35 -16.57 2.70
C LEU F 138 38.10 -16.07 4.12
N ARG F 139 38.27 -14.76 4.30
CA ARG F 139 37.98 -14.01 5.54
C ARG F 139 37.31 -12.73 5.05
N TYR F 140 36.59 -12.04 5.93
CA TYR F 140 35.84 -10.87 5.49
C TYR F 140 36.13 -9.66 6.32
N VAL F 141 36.09 -8.50 5.70
CA VAL F 141 36.28 -7.26 6.40
C VAL F 141 34.93 -6.64 6.38
N ASN F 142 34.32 -6.57 7.55
CA ASN F 142 32.98 -6.02 7.72
C ASN F 142 33.02 -4.67 8.41
N SER F 143 32.09 -3.82 8.01
CA SER F 143 31.93 -2.53 8.65
C SER F 143 31.76 -2.67 10.18
N PRO F 144 32.58 -1.95 10.97
CA PRO F 144 32.49 -2.05 12.42
C PRO F 144 31.29 -1.29 12.99
N VAL F 145 30.70 -0.39 12.21
CA VAL F 145 29.56 0.39 12.62
C VAL F 145 28.60 0.64 11.48
N SER F 146 27.41 1.13 11.82
CA SER F 146 26.49 1.63 10.79
C SER F 146 26.88 3.07 10.57
N GLY F 147 26.92 3.47 9.30
CA GLY F 147 27.29 4.81 8.93
C GLY F 147 27.47 4.92 7.42
N THR F 148 28.38 5.78 7.03
CA THR F 148 28.62 6.04 5.62
C THR F 148 30.07 5.82 5.33
N VAL F 149 30.38 5.09 4.25
CA VAL F 149 31.74 4.96 3.75
C VAL F 149 31.99 6.27 3.03
N ILE F 150 33.02 6.99 3.47
CA ILE F 150 33.34 8.30 2.90
C ILE F 150 34.35 8.22 1.76
N PHE F 151 35.30 7.30 1.90
CA PHE F 151 36.34 7.16 0.89
C PHE F 151 37.04 5.83 1.04
N MSE F 152 37.80 5.50 0.03
CA MSE F 152 38.49 4.24 -0.06
C MSE F 152 39.77 4.48 -0.84
O MSE F 152 39.72 5.15 -1.88
CB MSE F 152 37.47 3.36 -0.79
CG MSE F 152 37.82 2.04 -1.15
SE MSE F 152 39.08 1.74 -2.56
CE MSE F 152 38.91 -0.16 -2.30
N ASN F 153 40.90 3.99 -0.35
CA ASN F 153 42.18 4.06 -1.09
C ASN F 153 43.11 2.87 -0.83
N GLU F 154 44.06 2.71 -1.73
CA GLU F 154 45.11 1.73 -1.62
C GLU F 154 46.09 2.18 -0.54
N ILE F 155 46.54 1.25 0.29
CA ILE F 155 47.49 1.50 1.37
C ILE F 155 48.82 1.80 0.67
N PRO F 156 49.38 3.00 0.88
CA PRO F 156 50.53 3.46 0.08
C PRO F 156 51.68 2.50 -0.15
N SER F 157 52.01 1.70 0.85
CA SER F 157 53.15 0.79 0.76
C SER F 157 52.78 -0.70 0.59
N GLU F 158 51.49 -0.98 0.40
CA GLU F 158 51.00 -2.34 0.25
C GLU F 158 50.12 -2.45 -0.97
N ARG F 159 50.76 -2.73 -2.09
CA ARG F 159 50.14 -2.91 -3.39
C ARG F 159 48.88 -3.75 -3.29
N ALA F 160 47.78 -3.25 -3.82
CA ALA F 160 46.51 -3.97 -3.83
C ALA F 160 45.93 -4.40 -2.46
N ASN F 161 46.31 -3.69 -1.41
CA ASN F 161 45.68 -3.77 -0.09
C ASN F 161 45.03 -2.39 0.06
N TYR F 162 43.84 -2.37 0.66
CA TYR F 162 43.05 -1.15 0.75
C TYR F 162 42.57 -0.78 2.13
N VAL F 163 42.10 0.45 2.27
CA VAL F 163 41.53 0.92 3.54
C VAL F 163 40.30 1.75 3.26
N PHE F 164 39.28 1.52 4.08
CA PHE F 164 38.05 2.28 4.03
C PHE F 164 38.00 3.30 5.16
N TYR F 165 37.44 4.46 4.84
CA TYR F 165 37.24 5.55 5.79
C TYR F 165 35.73 5.71 5.95
N MSE F 166 35.29 5.68 7.20
CA MSE F 166 33.89 5.66 7.57
C MSE F 166 33.50 6.76 8.56
O MSE F 166 34.27 7.09 9.46
CB MSE F 166 33.70 4.34 8.29
CG MSE F 166 32.32 3.83 8.51
SE MSE F 166 32.49 1.93 8.19
CE MSE F 166 33.16 2.28 6.35
N LEU F 167 32.30 7.30 8.38
CA LEU F 167 31.68 8.26 9.28
C LEU F 167 30.54 7.51 9.98
N GLU F 168 30.69 7.26 11.27
CA GLU F 168 29.66 6.59 12.06
C GLU F 168 28.42 7.49 12.05
N GLU F 169 27.25 6.87 12.05
CA GLU F 169 25.98 7.58 12.01
C GLU F 169 25.67 8.20 13.39
C1 EDO G . -10.46 -13.29 22.47
O1 EDO G . -11.66 -12.54 22.75
C2 EDO G . -10.56 -14.70 23.08
O2 EDO G . -9.43 -15.55 22.79
C1 EDO H . -9.35 -20.00 9.54
O1 EDO H . -8.75 -18.76 9.93
C2 EDO H . -10.40 -20.25 10.59
O2 EDO H . -10.77 -21.61 10.63
C1 EDO I . 8.39 5.71 -31.45
O1 EDO I . 8.32 6.53 -30.25
C2 EDO I . 8.31 6.59 -32.71
O2 EDO I . 7.30 6.09 -33.61
C1 EDO J . 4.38 8.60 -37.82
O1 EDO J . 3.14 9.22 -37.50
C2 EDO J . 5.56 9.56 -37.71
O2 EDO J . 6.71 8.85 -37.19
C1 EDO K . -18.14 -1.47 -31.03
O1 EDO K . -19.43 -1.19 -30.45
C2 EDO K . -16.96 -0.98 -30.18
O2 EDO K . -16.50 0.33 -30.57
C1 PEG L . -12.67 0.40 -27.87
O1 PEG L . -12.27 -0.62 -28.80
C2 PEG L . -13.78 1.21 -28.52
O2 PEG L . -13.50 1.27 -29.93
C3 PEG L . -13.83 2.51 -30.54
C4 PEG L . -13.05 2.69 -31.84
O4 PEG L . -13.67 3.72 -32.61
C1 EDO M . 14.25 -2.35 9.20
O1 EDO M . 14.49 -2.81 7.86
C2 EDO M . 14.39 -3.53 10.16
O2 EDO M . 13.67 -3.26 11.39
C1 EDO N . 27.11 2.49 -9.40
O1 EDO N . 26.63 1.38 -8.64
C2 EDO N . 25.96 3.29 -10.02
O2 EDO N . 25.62 2.82 -11.33
C1 EDO O . 24.51 -1.81 0.32
O1 EDO O . 23.93 -2.43 1.50
C2 EDO O . 25.25 -0.50 0.71
O2 EDO O . 24.56 0.72 0.26
C1 EDO P . 29.07 14.41 -10.13
O1 EDO P . 28.84 14.14 -11.54
C2 EDO P . 29.60 13.23 -9.31
O2 EDO P . 29.78 11.99 -10.03
C1 EDO Q . 43.59 -14.66 4.46
O1 EDO Q . 42.18 -14.99 4.17
C2 EDO Q . 44.21 -13.46 3.71
O2 EDO Q . 45.63 -13.63 3.50
#